data_1M1L
#
_entry.id   1M1L
#
_cell.length_a   173.025
_cell.length_b   173.025
_cell.length_c   290.833
_cell.angle_alpha   90.00
_cell.angle_beta   90.00
_cell.angle_gamma   120.00
#
_symmetry.space_group_name_H-M   'H 3 2'
#
loop_
_entity.id
_entity.type
_entity.pdbx_description
1 polymer 'Suppressor of Fused'
2 water water
#
_entity_poly.entity_id   1
_entity_poly.type   'polypeptide(L)'
_entity_poly.pdbx_seq_one_letter_code
;ASLFPPGLHAIYGECRRLYPDQPNPLQVTAIVKYWLGGPDPLDYVSMYRNVGSPSANIPEHWHYISFGLSDLYGDNRVHE
FTGTDGPSGFGFELTFRLKRETGESAPPTWPAELMQGLARYVFQSENTFCSGDHVSWHSPLDNSESRIQHMLLTEDPQMQ
PVQTPFGVVTFLQIVGVCTEELHSAQQWNGQGILELLRTVPIAGGPWLITDMRRGETIFEIDPHLQERVDKGIETD
;
_entity_poly.pdbx_strand_id   A,B,C,D
#
# COMPACT_ATOMS: atom_id res chain seq x y z
N ALA A 1 30.23 15.64 7.41
CA ALA A 1 29.90 14.86 6.22
C ALA A 1 28.43 14.56 6.29
N SER A 2 27.87 14.90 7.43
CA SER A 2 26.46 14.76 7.77
C SER A 2 26.50 15.15 9.22
N LEU A 3 26.64 16.43 9.46
CA LEU A 3 26.69 16.92 10.81
C LEU A 3 25.27 16.96 11.35
N PHE A 4 25.10 17.41 12.59
CA PHE A 4 23.78 17.49 13.19
C PHE A 4 23.06 18.63 12.47
N PRO A 5 22.05 18.31 11.65
CA PRO A 5 21.27 19.29 10.87
C PRO A 5 20.78 20.47 11.70
N PRO A 6 21.20 21.69 11.32
CA PRO A 6 20.78 22.87 12.07
C PRO A 6 19.28 22.91 12.35
N GLY A 7 18.46 22.68 11.32
CA GLY A 7 17.02 22.71 11.48
C GLY A 7 16.55 21.68 12.47
N LEU A 8 17.11 20.48 12.36
CA LEU A 8 16.76 19.39 13.25
C LEU A 8 17.16 19.77 14.66
N HIS A 9 18.33 20.39 14.79
CA HIS A 9 18.86 20.83 16.09
C HIS A 9 17.89 21.79 16.82
N ALA A 10 17.34 22.77 16.11
CA ALA A 10 16.41 23.72 16.75
C ALA A 10 15.19 23.01 17.33
N ILE A 11 14.65 22.06 16.57
CA ILE A 11 13.49 21.29 17.02
C ILE A 11 13.93 20.39 18.16
N TYR A 12 15.07 19.74 17.96
CA TYR A 12 15.60 18.85 19.00
C TYR A 12 15.78 19.65 20.28
N GLY A 13 16.27 20.89 20.14
CA GLY A 13 16.47 21.74 21.28
C GLY A 13 15.16 21.87 22.08
N GLU A 14 14.06 22.13 21.36
CA GLU A 14 12.75 22.25 22.01
C GLU A 14 12.40 20.96 22.71
N CYS A 15 12.60 19.85 22.03
CA CYS A 15 12.29 18.54 22.58
C CYS A 15 13.01 18.29 23.88
N ARG A 16 14.22 18.81 24.01
CA ARG A 16 14.99 18.63 25.22
C ARG A 16 14.50 19.46 26.36
N ARG A 17 14.07 20.67 26.05
CA ARG A 17 13.56 21.54 27.08
C ARG A 17 12.38 20.80 27.73
N LEU A 18 11.62 20.07 26.92
CA LEU A 18 10.47 19.32 27.42
C LEU A 18 10.78 17.98 28.04
N TYR A 19 11.78 17.27 27.51
CA TYR A 19 12.13 15.95 28.02
C TYR A 19 13.61 15.85 28.39
N PRO A 20 14.06 16.66 29.36
CA PRO A 20 15.45 16.66 29.79
C PRO A 20 15.97 15.29 30.15
N ASP A 21 15.08 14.38 30.55
CA ASP A 21 15.56 13.06 30.92
C ASP A 21 15.41 11.97 29.87
N GLN A 22 15.14 12.37 28.62
CA GLN A 22 15.00 11.41 27.52
C GLN A 22 15.88 11.86 26.34
N PRO A 23 17.19 11.96 26.55
CA PRO A 23 18.12 12.39 25.49
C PRO A 23 18.29 11.36 24.38
N ASN A 24 17.84 10.15 24.61
CA ASN A 24 17.99 9.11 23.62
C ASN A 24 16.68 8.36 23.35
N PRO A 25 15.61 9.09 22.95
CA PRO A 25 14.29 8.50 22.68
C PRO A 25 14.26 7.64 21.44
N LEU A 26 13.20 6.86 21.33
CA LEU A 26 13.02 6.02 20.16
C LEU A 26 12.85 6.99 18.99
N GLN A 27 13.60 6.78 17.92
CA GLN A 27 13.44 7.65 16.76
C GLN A 27 13.36 6.79 15.52
N VAL A 28 12.33 7.04 14.73
CA VAL A 28 12.09 6.31 13.49
C VAL A 28 12.59 7.14 12.30
N THR A 29 13.06 6.46 11.26
CA THR A 29 13.54 7.20 10.09
C THR A 29 13.24 6.49 8.79
N ALA A 30 13.26 7.23 7.70
CA ALA A 30 13.01 6.66 6.39
C ALA A 30 14.32 6.03 5.96
N ILE A 31 14.29 4.75 5.61
CA ILE A 31 15.50 4.06 5.23
C ILE A 31 16.12 4.70 3.97
N VAL A 32 15.30 5.13 3.03
CA VAL A 32 15.78 5.83 1.85
C VAL A 32 15.11 7.19 1.96
N LYS A 33 15.89 8.22 2.28
CA LYS A 33 15.32 9.56 2.47
C LYS A 33 14.58 10.07 1.25
N TYR A 34 13.60 10.92 1.49
CA TYR A 34 12.80 11.50 0.42
C TYR A 34 13.65 12.18 -0.65
N TRP A 35 14.61 13.00 -0.22
CA TRP A 35 15.48 13.70 -1.17
C TRP A 35 16.44 12.76 -1.91
N LEU A 36 16.35 11.45 -1.67
CA LEU A 36 17.21 10.50 -2.37
C LEU A 36 16.31 9.61 -3.19
N GLY A 37 15.05 10.03 -3.33
CA GLY A 37 14.09 9.28 -4.12
C GLY A 37 13.08 8.48 -3.33
N GLY A 38 13.19 8.51 -2.00
CA GLY A 38 12.28 7.76 -1.14
C GLY A 38 10.84 8.26 -1.16
N PRO A 39 9.90 7.42 -0.71
CA PRO A 39 8.47 7.76 -0.69
C PRO A 39 7.95 8.54 0.52
N ASP A 40 8.71 8.53 1.62
CA ASP A 40 8.29 9.23 2.83
C ASP A 40 8.97 10.58 3.03
N PRO A 41 8.20 11.66 2.94
CA PRO A 41 8.78 12.99 3.11
C PRO A 41 9.38 13.33 4.46
N LEU A 42 9.02 12.62 5.52
CA LEU A 42 9.58 12.93 6.83
C LEU A 42 10.84 12.11 7.06
N ASP A 43 11.97 12.78 7.30
CA ASP A 43 13.24 12.09 7.54
C ASP A 43 13.27 11.36 8.89
N TYR A 44 12.61 11.92 9.89
CA TYR A 44 12.58 11.32 11.22
C TYR A 44 11.31 11.65 11.97
N VAL A 45 11.00 10.81 12.95
CA VAL A 45 9.88 11.01 13.82
C VAL A 45 10.36 10.58 15.21
N SER A 46 10.50 11.53 16.13
CA SER A 46 10.90 11.21 17.49
C SER A 46 9.66 10.83 18.30
N MET A 47 9.82 9.88 19.20
CA MET A 47 8.70 9.41 20.02
C MET A 47 9.05 9.44 21.50
N TYR A 48 8.43 10.36 22.24
CA TYR A 48 8.72 10.50 23.66
C TYR A 48 7.64 10.01 24.58
N ARG A 49 8.01 9.83 25.85
CA ARG A 49 7.05 9.42 26.86
C ARG A 49 6.70 10.67 27.64
N ASN A 50 5.41 11.02 27.70
CA ASN A 50 4.98 12.20 28.45
C ASN A 50 4.17 11.71 29.65
N VAL A 51 4.72 11.90 30.86
CA VAL A 51 4.05 11.43 32.08
C VAL A 51 2.74 12.19 32.29
N GLY A 52 2.54 13.28 31.56
CA GLY A 52 1.32 14.04 31.72
C GLY A 52 1.31 14.84 33.00
N SER A 53 0.16 14.87 33.66
CA SER A 53 -0.01 15.61 34.90
C SER A 53 -1.15 15.01 35.71
N PRO A 54 -0.83 14.15 36.70
CA PRO A 54 -1.90 13.55 37.49
C PRO A 54 -2.81 14.61 38.07
N SER A 55 -2.19 15.68 38.57
CA SER A 55 -2.88 16.82 39.17
C SER A 55 -4.01 17.31 38.26
N ALA A 56 -3.64 17.79 37.07
CA ALA A 56 -4.60 18.32 36.12
C ALA A 56 -5.44 17.27 35.40
N ASN A 57 -5.34 16.00 35.79
CA ASN A 57 -6.17 15.01 35.10
C ASN A 57 -5.72 14.76 33.63
N ILE A 58 -4.45 15.09 33.31
CA ILE A 58 -3.86 14.86 31.98
C ILE A 58 -3.08 13.55 32.09
N PRO A 59 -3.59 12.49 31.45
CA PRO A 59 -2.98 11.15 31.46
C PRO A 59 -1.65 10.95 30.74
N GLU A 60 -0.96 9.89 31.12
CA GLU A 60 0.34 9.56 30.54
C GLU A 60 0.11 9.23 29.08
N HIS A 61 0.91 9.82 28.19
CA HIS A 61 0.76 9.58 26.76
C HIS A 61 2.06 9.61 25.95
N TRP A 62 1.99 9.12 24.72
CA TRP A 62 3.15 9.15 23.83
C TRP A 62 3.06 10.43 22.98
N HIS A 63 4.17 11.14 22.87
CA HIS A 63 4.23 12.41 22.12
C HIS A 63 5.15 12.26 20.90
N TYR A 64 4.61 12.52 19.71
CA TYR A 64 5.39 12.37 18.48
C TYR A 64 5.72 13.71 17.83
N ILE A 65 6.93 13.86 17.30
CA ILE A 65 7.33 15.10 16.62
C ILE A 65 7.99 14.73 15.28
N SER A 66 7.61 15.41 14.21
CA SER A 66 8.17 15.10 12.90
C SER A 66 9.33 16.01 12.47
N PHE A 67 10.12 15.51 11.51
CA PHE A 67 11.26 16.24 10.96
C PHE A 67 11.28 16.09 9.44
N GLY A 68 11.06 17.20 8.73
CA GLY A 68 11.05 17.14 7.28
C GLY A 68 10.13 18.17 6.65
N LEU A 69 9.04 18.52 7.34
CA LEU A 69 8.13 19.50 6.79
C LEU A 69 8.81 20.88 6.83
N SER A 70 9.71 21.07 7.80
CA SER A 70 10.45 22.33 7.91
C SER A 70 11.80 22.14 7.23
N ASP A 71 12.56 23.21 7.09
CA ASP A 71 13.87 23.14 6.43
C ASP A 71 14.96 22.69 7.39
N LEU A 72 15.30 21.41 7.33
CA LEU A 72 16.29 20.86 8.21
C LEU A 72 17.74 21.18 7.84
N TYR A 73 18.04 21.12 6.55
CA TYR A 73 19.40 21.33 6.07
C TYR A 73 19.74 22.69 5.46
N GLY A 74 18.74 23.42 4.98
CA GLY A 74 19.02 24.72 4.43
C GLY A 74 19.91 24.76 3.20
N ASP A 75 20.07 23.62 2.53
CA ASP A 75 20.88 23.58 1.31
C ASP A 75 20.04 23.25 0.06
N ASN A 76 18.76 23.63 0.10
CA ASN A 76 17.86 23.39 -1.01
C ASN A 76 17.74 21.94 -1.50
N ARG A 77 17.93 20.96 -0.63
CA ARG A 77 17.77 19.59 -1.08
C ARG A 77 16.30 19.16 -1.03
N VAL A 78 15.49 19.84 -0.23
CA VAL A 78 14.09 19.49 -0.11
C VAL A 78 13.22 20.71 -0.22
N HIS A 79 13.55 21.72 0.58
CA HIS A 79 12.81 22.96 0.58
C HIS A 79 13.69 24.06 0.09
N GLU A 80 13.08 25.13 -0.35
CA GLU A 80 13.88 26.24 -0.81
C GLU A 80 14.21 27.17 0.32
N PHE A 81 15.47 27.52 0.46
CA PHE A 81 15.84 28.46 1.52
C PHE A 81 15.25 29.86 1.22
N THR A 82 14.55 30.41 2.22
CA THR A 82 13.89 31.71 2.12
C THR A 82 14.18 32.67 3.30
N GLY A 83 15.43 32.78 3.71
CA GLY A 83 15.74 33.68 4.80
C GLY A 83 15.35 33.16 6.18
N THR A 84 15.82 33.84 7.21
CA THR A 84 15.55 33.44 8.59
C THR A 84 14.26 34.04 9.14
N ASP A 85 13.62 34.89 8.33
CA ASP A 85 12.39 35.52 8.77
C ASP A 85 11.20 34.64 8.49
N GLY A 86 10.87 34.50 7.21
CA GLY A 86 9.74 33.68 6.81
C GLY A 86 9.75 32.30 7.43
N PRO A 87 8.84 31.44 6.99
CA PRO A 87 8.83 30.11 7.60
C PRO A 87 9.93 29.21 7.07
N SER A 88 10.36 28.28 7.90
CA SER A 88 11.37 27.32 7.51
C SER A 88 10.63 26.22 6.75
N GLY A 89 10.94 26.04 5.47
CA GLY A 89 10.21 25.05 4.69
C GLY A 89 8.73 25.38 4.72
N PHE A 90 7.88 24.41 5.05
CA PHE A 90 6.46 24.68 5.12
C PHE A 90 6.05 25.46 6.36
N GLY A 91 7.03 25.72 7.22
CA GLY A 91 6.77 26.49 8.43
C GLY A 91 6.39 25.72 9.68
N PHE A 92 6.25 24.41 9.58
CA PHE A 92 5.87 23.68 10.76
C PHE A 92 6.24 22.22 10.65
N GLU A 93 5.97 21.49 11.72
CA GLU A 93 6.21 20.06 11.78
C GLU A 93 4.97 19.52 12.48
N LEU A 94 4.69 18.25 12.29
CA LEU A 94 3.52 17.67 12.92
C LEU A 94 3.86 17.03 14.25
N THR A 95 2.89 17.05 15.16
CA THR A 95 3.07 16.37 16.44
C THR A 95 1.78 15.60 16.69
N PHE A 96 1.80 14.69 17.66
CA PHE A 96 0.63 13.89 17.96
C PHE A 96 0.77 13.37 19.39
N ARG A 97 -0.36 13.26 20.09
CA ARG A 97 -0.32 12.75 21.45
C ARG A 97 -1.26 11.56 21.55
N LEU A 98 -0.68 10.38 21.82
CA LEU A 98 -1.45 9.15 21.90
C LEU A 98 -1.56 8.65 23.33
N LYS A 99 -2.79 8.47 23.82
CA LYS A 99 -2.98 7.99 25.17
C LYS A 99 -2.29 6.67 25.35
N ARG A 100 -1.51 6.57 26.41
CA ARG A 100 -0.79 5.34 26.68
C ARG A 100 -1.72 4.26 27.23
N GLU A 101 -1.57 3.05 26.70
CA GLU A 101 -2.36 1.91 27.15
C GLU A 101 -1.47 0.91 27.89
N THR A 102 -2.10 -0.12 28.43
CA THR A 102 -1.37 -1.18 29.11
C THR A 102 -0.73 -2.04 28.01
N GLY A 103 0.44 -2.61 28.32
CA GLY A 103 1.13 -3.45 27.36
C GLY A 103 2.04 -2.65 26.43
N GLU A 104 2.29 -1.40 26.78
CA GLU A 104 3.14 -0.57 25.94
C GLU A 104 4.33 -0.03 26.74
N SER A 105 5.48 -0.70 26.60
CA SER A 105 6.75 -0.36 27.25
C SER A 105 7.40 0.77 26.47
N ALA A 106 7.01 0.84 25.20
CA ALA A 106 7.52 1.87 24.31
C ALA A 106 6.36 2.43 23.50
N PRO A 107 6.55 3.60 22.89
CA PRO A 107 5.48 4.20 22.09
C PRO A 107 5.21 3.42 20.80
N PRO A 108 3.93 3.16 20.49
CA PRO A 108 3.68 2.42 19.25
C PRO A 108 4.17 3.24 18.06
N THR A 109 4.59 2.56 17.00
CA THR A 109 5.14 3.27 15.85
C THR A 109 4.20 3.66 14.72
N TRP A 110 2.96 3.21 14.72
CA TRP A 110 2.05 3.56 13.62
C TRP A 110 1.83 5.07 13.38
N PRO A 111 1.89 5.88 14.44
CA PRO A 111 1.68 7.30 14.18
C PRO A 111 2.68 7.91 13.19
N ALA A 112 3.88 7.33 13.07
CA ALA A 112 4.85 7.88 12.14
C ALA A 112 4.23 7.77 10.75
N GLU A 113 3.63 6.63 10.52
CA GLU A 113 3.01 6.35 9.25
C GLU A 113 1.92 7.37 8.93
N LEU A 114 1.08 7.63 9.94
CA LEU A 114 -0.01 8.57 9.78
C LEU A 114 0.59 9.92 9.35
N MET A 115 1.63 10.36 10.06
CA MET A 115 2.30 11.62 9.73
C MET A 115 2.88 11.64 8.31
N GLN A 116 3.52 10.56 7.88
CA GLN A 116 4.07 10.51 6.54
C GLN A 116 2.95 10.74 5.54
N GLY A 117 1.80 10.12 5.78
CA GLY A 117 0.66 10.28 4.89
C GLY A 117 0.27 11.74 4.81
N LEU A 118 0.12 12.39 5.96
CA LEU A 118 -0.23 13.79 5.98
C LEU A 118 0.84 14.66 5.32
N ALA A 119 2.10 14.39 5.62
CA ALA A 119 3.17 15.18 5.04
C ALA A 119 3.16 15.03 3.51
N ARG A 120 2.92 13.82 3.03
CA ARG A 120 2.90 13.59 1.60
C ARG A 120 1.92 14.57 0.95
N TYR A 121 0.75 14.77 1.57
CA TYR A 121 -0.23 15.71 1.03
C TYR A 121 0.35 17.13 0.94
N VAL A 122 1.10 17.54 1.95
CA VAL A 122 1.68 18.89 1.98
C VAL A 122 2.74 19.05 0.90
N PHE A 123 3.68 18.11 0.81
CA PHE A 123 4.71 18.19 -0.19
C PHE A 123 4.17 18.18 -1.63
N GLN A 124 3.26 17.25 -1.92
CA GLN A 124 2.71 17.10 -3.27
C GLN A 124 1.95 18.34 -3.72
N SER A 125 0.92 18.69 -2.96
CA SER A 125 0.05 19.81 -3.28
C SER A 125 0.64 21.18 -2.98
N GLU A 126 1.61 21.22 -2.08
CA GLU A 126 2.24 22.45 -1.63
C GLU A 126 1.27 23.37 -0.85
N ASN A 127 0.18 22.79 -0.34
CA ASN A 127 -0.75 23.55 0.48
C ASN A 127 -0.45 23.20 1.92
N THR A 128 -0.21 24.19 2.77
CA THR A 128 0.11 23.88 4.16
C THR A 128 -1.16 23.70 5.00
N PHE A 129 -0.99 23.42 6.27
CA PHE A 129 -2.10 23.24 7.20
C PHE A 129 -2.02 24.33 8.30
N CYS A 130 -3.17 24.67 8.90
CA CYS A 130 -3.21 25.68 9.96
C CYS A 130 -4.03 25.20 11.14
N SER A 131 -3.81 25.84 12.28
CA SER A 131 -4.57 25.48 13.46
C SER A 131 -6.05 25.63 13.08
N GLY A 132 -6.87 24.68 13.49
CA GLY A 132 -8.29 24.75 13.19
C GLY A 132 -8.70 23.99 11.94
N ASP A 133 -7.75 23.57 11.12
CA ASP A 133 -8.08 22.84 9.90
C ASP A 133 -8.53 21.45 10.27
N HIS A 134 -9.30 20.84 9.37
CA HIS A 134 -9.73 19.47 9.58
C HIS A 134 -9.28 18.66 8.37
N VAL A 135 -9.04 17.37 8.59
CA VAL A 135 -8.67 16.49 7.49
C VAL A 135 -9.62 15.29 7.56
N SER A 136 -10.37 15.07 6.50
CA SER A 136 -11.32 13.96 6.46
C SER A 136 -10.59 12.67 6.05
N TRP A 137 -9.71 12.22 6.94
CA TRP A 137 -8.92 11.02 6.71
C TRP A 137 -9.79 9.88 6.22
N HIS A 138 -10.99 9.79 6.79
CA HIS A 138 -11.96 8.78 6.38
C HIS A 138 -11.50 7.35 6.62
N SER A 139 -10.80 7.11 7.72
CA SER A 139 -10.33 5.77 8.00
C SER A 139 -9.75 5.73 9.40
N PRO A 140 -9.99 4.64 10.13
CA PRO A 140 -9.42 4.62 11.47
C PRO A 140 -7.92 4.88 11.37
N LEU A 141 -7.46 5.92 12.06
CA LEU A 141 -6.07 6.38 12.02
C LEU A 141 -5.00 5.33 12.18
N ASP A 142 -5.26 4.32 13.00
CA ASP A 142 -4.28 3.26 13.23
C ASP A 142 -4.64 1.95 12.54
N ASN A 143 -5.50 2.03 11.52
CA ASN A 143 -5.92 0.84 10.79
C ASN A 143 -6.56 -0.24 11.69
N SER A 144 -7.17 0.20 12.78
CA SER A 144 -7.84 -0.75 13.66
C SER A 144 -9.34 -0.60 13.35
N GLU A 145 -10.18 -0.76 14.36
CA GLU A 145 -11.61 -0.61 14.17
C GLU A 145 -12.07 0.67 14.84
N SER A 146 -11.12 1.39 15.43
CA SER A 146 -11.43 2.62 16.12
C SER A 146 -12.41 3.55 15.44
N ARG A 147 -13.11 4.32 16.26
CA ARG A 147 -14.09 5.28 15.79
C ARG A 147 -13.39 6.61 15.45
N ILE A 148 -12.11 6.71 15.79
CA ILE A 148 -11.34 7.91 15.50
C ILE A 148 -10.86 7.73 14.08
N GLN A 149 -11.51 8.42 13.14
CA GLN A 149 -11.18 8.26 11.73
C GLN A 149 -10.86 9.55 10.98
N HIS A 150 -10.79 10.66 11.70
CA HIS A 150 -10.49 11.94 11.07
C HIS A 150 -9.59 12.75 11.97
N MET A 151 -9.16 13.90 11.46
CA MET A 151 -8.27 14.72 12.23
C MET A 151 -8.61 16.20 12.22
N LEU A 152 -8.23 16.86 13.31
CA LEU A 152 -8.34 18.30 13.48
C LEU A 152 -6.91 18.69 13.85
N LEU A 153 -6.53 19.90 13.45
CA LEU A 153 -5.19 20.38 13.73
C LEU A 153 -5.25 21.60 14.64
N THR A 154 -4.37 21.61 15.65
CA THR A 154 -4.32 22.70 16.62
C THR A 154 -2.86 22.91 16.96
N GLU A 155 -2.50 24.02 17.59
CA GLU A 155 -1.09 24.18 17.92
C GLU A 155 -0.75 23.27 19.11
N ASP A 156 0.48 22.74 19.12
CA ASP A 156 0.91 21.85 20.19
C ASP A 156 0.85 22.62 21.50
N PRO A 157 0.23 22.05 22.53
CA PRO A 157 0.12 22.72 23.83
C PRO A 157 1.45 23.03 24.52
N GLN A 158 2.52 22.30 24.19
CA GLN A 158 3.81 22.53 24.84
C GLN A 158 4.93 22.94 23.91
N MET A 159 5.04 22.28 22.78
CA MET A 159 6.09 22.62 21.82
C MET A 159 5.86 24.03 21.33
N GLN A 160 6.83 24.91 21.58
CA GLN A 160 6.70 26.28 21.17
C GLN A 160 7.47 26.59 19.90
N PRO A 161 6.98 27.56 19.13
CA PRO A 161 7.67 27.92 17.90
C PRO A 161 9.16 28.19 18.16
N VAL A 162 9.99 27.72 17.24
CA VAL A 162 11.43 27.86 17.35
C VAL A 162 12.06 28.69 16.23
N GLN A 163 13.10 29.43 16.57
CA GLN A 163 13.79 30.23 15.57
C GLN A 163 14.86 29.31 15.03
N THR A 164 15.08 29.41 13.73
CA THR A 164 16.08 28.61 13.05
C THR A 164 16.84 29.48 12.09
N PRO A 165 18.05 29.06 11.72
CA PRO A 165 18.80 29.89 10.77
C PRO A 165 18.18 29.78 9.40
N PHE A 166 17.18 28.91 9.29
CA PHE A 166 16.47 28.74 8.03
C PHE A 166 15.00 29.16 8.06
N GLY A 167 14.59 29.81 9.15
CA GLY A 167 13.22 30.28 9.26
C GLY A 167 12.55 29.89 10.56
N VAL A 168 11.29 30.30 10.72
CA VAL A 168 10.53 29.98 11.93
C VAL A 168 9.83 28.64 11.76
N VAL A 169 9.69 27.89 12.85
CA VAL A 169 9.04 26.60 12.81
C VAL A 169 7.99 26.50 13.92
N THR A 170 6.73 26.24 13.56
CA THR A 170 5.70 26.08 14.58
C THR A 170 5.35 24.60 14.65
N PHE A 171 4.54 24.22 15.63
CA PHE A 171 4.19 22.82 15.75
C PHE A 171 2.70 22.59 15.72
N LEU A 172 2.26 21.84 14.72
CA LEU A 172 0.85 21.51 14.55
C LEU A 172 0.57 20.12 15.09
N GLN A 173 -0.28 20.06 16.12
CA GLN A 173 -0.64 18.78 16.70
C GLN A 173 -1.90 18.19 16.10
N ILE A 174 -1.80 16.91 15.75
CA ILE A 174 -2.92 16.18 15.19
C ILE A 174 -3.81 15.76 16.34
N VAL A 175 -5.13 15.88 16.15
CA VAL A 175 -6.09 15.46 17.17
C VAL A 175 -7.12 14.57 16.48
N GLY A 176 -7.14 13.29 16.84
CA GLY A 176 -8.11 12.40 16.22
C GLY A 176 -9.52 12.71 16.68
N VAL A 177 -10.51 12.53 15.81
CA VAL A 177 -11.91 12.79 16.16
C VAL A 177 -12.84 11.83 15.44
N CYS A 178 -14.11 11.79 15.86
CA CYS A 178 -15.12 10.92 15.24
C CYS A 178 -15.75 11.66 14.08
N THR A 179 -16.33 10.91 13.13
CA THR A 179 -16.94 11.54 11.98
C THR A 179 -17.96 12.61 12.43
N GLU A 180 -18.75 12.31 13.47
CA GLU A 180 -19.78 13.27 13.93
C GLU A 180 -19.11 14.58 14.35
N GLU A 181 -17.92 14.45 14.94
CA GLU A 181 -17.16 15.59 15.38
C GLU A 181 -16.57 16.35 14.20
N LEU A 182 -16.19 15.61 13.16
CA LEU A 182 -15.65 16.24 11.97
C LEU A 182 -16.74 17.08 11.31
N HIS A 183 -17.92 16.49 11.12
CA HIS A 183 -19.05 17.19 10.51
C HIS A 183 -19.37 18.44 11.32
N SER A 184 -19.31 18.29 12.64
CA SER A 184 -19.58 19.38 13.56
C SER A 184 -18.62 20.53 13.26
N ALA A 185 -17.36 20.20 13.02
CA ALA A 185 -16.35 21.20 12.71
C ALA A 185 -16.63 21.88 11.37
N GLN A 186 -17.21 21.12 10.45
CA GLN A 186 -17.53 21.65 9.13
C GLN A 186 -18.72 22.60 9.19
N GLN A 187 -19.72 22.23 10.00
CA GLN A 187 -20.90 23.06 10.16
C GLN A 187 -20.57 24.37 10.86
N TRP A 188 -19.74 24.27 11.90
CA TRP A 188 -19.34 25.44 12.68
C TRP A 188 -17.89 25.77 12.29
N ASN A 189 -16.92 25.46 13.14
CA ASN A 189 -15.52 25.69 12.81
C ASN A 189 -14.58 24.87 13.69
N GLY A 190 -13.39 24.58 13.17
CA GLY A 190 -12.43 23.79 13.90
C GLY A 190 -12.11 24.27 15.30
N GLN A 191 -11.82 25.56 15.45
CA GLN A 191 -11.50 26.11 16.76
C GLN A 191 -12.58 25.81 17.79
N GLY A 192 -13.83 25.82 17.35
CA GLY A 192 -14.94 25.57 18.24
C GLY A 192 -14.95 24.15 18.78
N ILE A 193 -14.85 23.18 17.88
CA ILE A 193 -14.83 21.78 18.29
C ILE A 193 -13.59 21.49 19.13
N LEU A 194 -12.48 22.16 18.81
CA LEU A 194 -11.24 21.98 19.58
C LEU A 194 -11.49 22.44 21.02
N GLU A 195 -12.17 23.58 21.17
CA GLU A 195 -12.48 24.11 22.50
C GLU A 195 -13.28 23.06 23.25
N LEU A 196 -14.33 22.55 22.62
CA LEU A 196 -15.17 21.56 23.27
C LEU A 196 -14.34 20.35 23.68
N LEU A 197 -13.55 19.83 22.74
CA LEU A 197 -12.72 18.67 23.02
C LEU A 197 -11.84 18.85 24.27
N ARG A 198 -11.41 20.08 24.51
CA ARG A 198 -10.59 20.35 25.68
C ARG A 198 -11.37 20.17 26.97
N THR A 199 -12.66 20.45 26.94
CA THR A 199 -13.52 20.34 28.12
C THR A 199 -13.96 18.91 28.45
N VAL A 200 -13.66 17.98 27.54
CA VAL A 200 -14.01 16.59 27.75
C VAL A 200 -12.73 15.75 27.78
N PRO A 201 -12.12 15.64 28.96
CA PRO A 201 -10.87 14.89 29.17
C PRO A 201 -10.68 13.58 28.39
N ILE A 202 -11.65 12.69 28.41
CA ILE A 202 -11.48 11.42 27.71
C ILE A 202 -11.44 11.58 26.20
N ALA A 203 -11.86 12.75 25.72
CA ALA A 203 -11.89 13.01 24.28
C ALA A 203 -10.72 13.86 23.85
N GLY A 204 -9.97 14.37 24.82
CA GLY A 204 -8.82 15.20 24.51
C GLY A 204 -8.25 15.87 25.74
N GLY A 205 -9.10 16.59 26.46
CA GLY A 205 -8.64 17.29 27.65
C GLY A 205 -7.85 18.52 27.25
N PRO A 206 -7.23 19.21 28.23
CA PRO A 206 -6.44 20.43 28.01
C PRO A 206 -5.37 20.30 26.93
N TRP A 207 -4.68 19.16 26.89
CA TRP A 207 -3.62 18.95 25.90
C TRP A 207 -4.07 18.20 24.63
N LEU A 208 -5.37 18.00 24.50
CA LEU A 208 -5.91 17.33 23.33
C LEU A 208 -5.20 16.01 22.96
N ILE A 209 -5.22 15.08 23.91
CA ILE A 209 -4.61 13.78 23.72
C ILE A 209 -5.65 12.92 23.00
N THR A 210 -5.20 12.07 22.10
CA THR A 210 -6.10 11.21 21.36
C THR A 210 -6.13 9.81 22.00
N ASP A 211 -7.33 9.27 22.14
CA ASP A 211 -7.51 7.94 22.69
C ASP A 211 -8.20 7.15 21.59
N MET A 212 -7.44 6.32 20.90
CA MET A 212 -7.99 5.52 19.81
C MET A 212 -9.07 4.55 20.29
N ARG A 213 -9.17 4.39 21.61
CA ARG A 213 -10.15 3.47 22.18
C ARG A 213 -11.46 4.13 22.60
N ARG A 214 -11.56 5.43 22.40
CA ARG A 214 -12.78 6.16 22.71
C ARG A 214 -13.94 5.56 21.91
N GLY A 215 -15.03 5.24 22.59
CA GLY A 215 -16.17 4.66 21.89
C GLY A 215 -17.32 5.63 21.67
N GLU A 216 -17.26 6.80 22.30
CA GLU A 216 -18.32 7.79 22.17
C GLU A 216 -17.92 9.17 21.71
N THR A 217 -18.84 9.82 21.01
CA THR A 217 -18.58 11.17 20.54
C THR A 217 -18.73 12.08 21.74
N ILE A 218 -18.21 13.30 21.65
CA ILE A 218 -18.33 14.20 22.79
C ILE A 218 -19.81 14.49 23.00
N PHE A 219 -20.59 14.45 21.92
CA PHE A 219 -22.02 14.72 22.01
C PHE A 219 -22.79 13.61 22.72
N GLU A 220 -22.37 12.37 22.51
CA GLU A 220 -23.04 11.25 23.16
C GLU A 220 -22.66 11.26 24.64
N ILE A 221 -21.50 11.81 24.95
CA ILE A 221 -21.05 11.88 26.32
C ILE A 221 -21.81 12.94 27.09
N ASP A 222 -22.05 14.08 26.44
CA ASP A 222 -22.77 15.15 27.09
C ASP A 222 -23.49 15.88 25.99
N PRO A 223 -24.71 15.41 25.68
CA PRO A 223 -25.62 15.91 24.65
C PRO A 223 -25.85 17.41 24.70
N HIS A 224 -25.35 18.03 25.75
CA HIS A 224 -25.47 19.47 25.88
C HIS A 224 -24.54 20.31 25.05
N LEU A 225 -23.42 19.71 24.67
CA LEU A 225 -22.43 20.43 23.88
C LEU A 225 -23.03 20.86 22.55
N GLN A 226 -24.02 20.10 22.09
CA GLN A 226 -24.69 20.40 20.84
C GLN A 226 -25.24 21.82 20.89
N GLU A 227 -25.75 22.21 22.05
CA GLU A 227 -26.28 23.57 22.20
C GLU A 227 -25.20 24.59 21.85
N ARG A 228 -24.02 24.36 22.40
CA ARG A 228 -22.92 25.27 22.19
C ARG A 228 -22.61 25.34 20.71
N VAL A 229 -22.65 24.19 20.04
CA VAL A 229 -22.37 24.13 18.61
C VAL A 229 -23.39 24.94 17.82
N ASP A 230 -24.65 24.84 18.21
CA ASP A 230 -25.71 25.58 17.54
C ASP A 230 -25.57 27.08 17.76
N LYS A 231 -25.23 27.50 18.97
CA LYS A 231 -25.06 28.93 19.23
C LYS A 231 -23.90 29.47 18.41
N GLY A 232 -22.83 28.68 18.33
CA GLY A 232 -21.66 29.08 17.57
C GLY A 232 -21.94 29.28 16.09
N ILE A 233 -22.71 28.37 15.50
CA ILE A 233 -23.04 28.47 14.08
C ILE A 233 -23.84 29.75 13.88
N GLU A 234 -24.79 29.97 14.78
CA GLU A 234 -25.66 31.13 14.76
C GLU A 234 -24.85 32.42 14.84
N THR A 235 -24.19 32.61 15.97
CA THR A 235 -23.39 33.81 16.19
C THR A 235 -22.04 33.65 15.50
N ASP A 236 -22.06 33.53 14.17
CA ASP A 236 -20.81 33.35 13.44
C ASP A 236 -21.04 33.45 11.93
N ALA B 1 -33.42 0.75 -7.37
CA ALA B 1 -33.55 1.86 -6.40
C ALA B 1 -32.15 2.40 -6.32
N SER B 2 -31.56 2.39 -7.51
CA SER B 2 -30.22 2.85 -7.82
C SER B 2 -30.43 3.04 -9.29
N LEU B 3 -31.12 4.13 -9.62
CA LEU B 3 -31.37 4.44 -11.00
C LEU B 3 -30.07 5.01 -11.55
N PHE B 4 -30.07 5.45 -12.80
CA PHE B 4 -28.89 6.03 -13.42
C PHE B 4 -28.70 7.40 -12.79
N PRO B 5 -27.68 7.56 -11.95
CA PRO B 5 -27.36 8.82 -11.27
C PRO B 5 -27.36 10.02 -12.21
N PRO B 6 -28.18 11.03 -11.89
CA PRO B 6 -28.25 12.23 -12.73
C PRO B 6 -26.88 12.85 -13.02
N GLY B 7 -26.06 12.98 -11.98
CA GLY B 7 -24.74 13.57 -12.16
C GLY B 7 -23.91 12.74 -13.12
N LEU B 8 -23.92 11.44 -12.90
CA LEU B 8 -23.18 10.53 -13.74
C LEU B 8 -23.68 10.67 -15.17
N HIS B 9 -25.01 10.72 -15.34
CA HIS B 9 -25.62 10.83 -16.66
C HIS B 9 -25.09 12.04 -17.42
N ALA B 10 -25.02 13.19 -16.75
CA ALA B 10 -24.54 14.40 -17.41
C ALA B 10 -23.12 14.20 -17.96
N ILE B 11 -22.27 13.58 -17.16
CA ILE B 11 -20.90 13.31 -17.60
C ILE B 11 -20.94 12.27 -18.74
N TYR B 12 -21.68 11.18 -18.50
CA TYR B 12 -21.83 10.11 -19.48
C TYR B 12 -22.33 10.72 -20.79
N GLY B 13 -23.23 11.70 -20.67
CA GLY B 13 -23.75 12.38 -21.86
C GLY B 13 -22.61 12.98 -22.67
N GLU B 14 -21.74 13.75 -22.02
CA GLU B 14 -20.59 14.37 -22.68
C GLU B 14 -19.73 13.30 -23.32
N CYS B 15 -19.46 12.24 -22.57
CA CYS B 15 -18.63 11.15 -23.08
C CYS B 15 -19.19 10.62 -24.38
N ARG B 16 -20.51 10.56 -24.48
CA ARG B 16 -21.12 10.04 -25.71
C ARG B 16 -21.01 10.95 -26.91
N ARG B 17 -21.13 12.23 -26.65
CA ARG B 17 -21.02 13.19 -27.71
C ARG B 17 -19.64 13.00 -28.33
N LEU B 18 -18.65 12.63 -27.50
CA LEU B 18 -17.29 12.43 -27.98
C LEU B 18 -17.01 11.06 -28.56
N TYR B 19 -17.63 10.03 -28.00
CA TYR B 19 -17.40 8.67 -28.46
C TYR B 19 -18.71 7.95 -28.79
N PRO B 20 -19.46 8.47 -29.76
CA PRO B 20 -20.74 7.87 -30.16
C PRO B 20 -20.63 6.40 -30.49
N ASP B 21 -19.45 5.93 -30.88
CA ASP B 21 -19.33 4.52 -31.22
C ASP B 21 -18.73 3.65 -30.13
N GLN B 22 -18.67 4.17 -28.90
CA GLN B 22 -18.14 3.40 -27.77
C GLN B 22 -19.12 3.46 -26.59
N PRO B 23 -20.35 2.99 -26.80
CA PRO B 23 -21.37 3.01 -25.74
C PRO B 23 -21.10 2.08 -24.57
N ASN B 24 -20.21 1.15 -24.78
CA ASN B 24 -19.92 0.18 -23.74
C ASN B 24 -18.40 0.02 -23.50
N PRO B 25 -17.74 1.13 -23.10
CA PRO B 25 -16.30 1.17 -22.85
C PRO B 25 -15.90 0.48 -21.57
N LEU B 26 -14.62 0.18 -21.46
CA LEU B 26 -14.11 -0.43 -20.25
C LEU B 26 -14.35 0.57 -19.12
N GLN B 27 -14.96 0.12 -18.03
CA GLN B 27 -15.18 1.02 -16.92
C GLN B 27 -14.76 0.31 -15.64
N VAL B 28 -13.94 1.00 -14.86
CA VAL B 28 -13.40 0.47 -13.62
C VAL B 28 -14.19 1.04 -12.46
N THR B 29 -14.35 0.25 -11.41
CA THR B 29 -15.09 0.74 -10.25
C THR B 29 -14.52 0.27 -8.93
N ALA B 30 -14.81 1.02 -7.87
CA ALA B 30 -14.36 0.66 -6.53
C ALA B 30 -15.30 -0.44 -6.06
N ILE B 31 -14.74 -1.58 -5.70
CA ILE B 31 -15.55 -2.71 -5.26
C ILE B 31 -16.38 -2.35 -4.01
N VAL B 32 -15.81 -1.56 -3.11
CA VAL B 32 -16.55 -1.09 -1.93
C VAL B 32 -16.51 0.42 -2.10
N LYS B 33 -17.65 1.01 -2.42
CA LYS B 33 -17.70 2.44 -2.67
C LYS B 33 -17.26 3.25 -1.47
N TYR B 34 -16.72 4.43 -1.74
CA TYR B 34 -16.24 5.33 -0.70
C TYR B 34 -17.31 5.61 0.36
N TRP B 35 -18.51 6.00 -0.08
CA TRP B 35 -19.60 6.30 0.83
C TRP B 35 -20.12 5.06 1.60
N LEU B 36 -19.44 3.92 1.43
CA LEU B 36 -19.82 2.70 2.14
C LEU B 36 -18.63 2.28 3.00
N GLY B 37 -17.66 3.17 3.12
CA GLY B 37 -16.49 2.88 3.91
C GLY B 37 -15.25 2.54 3.11
N GLY B 38 -15.34 2.51 1.78
CA GLY B 38 -14.19 2.18 0.95
C GLY B 38 -13.11 3.25 0.93
N PRO B 39 -11.89 2.89 0.50
CA PRO B 39 -10.72 3.80 0.44
C PRO B 39 -10.56 4.66 -0.81
N ASP B 40 -11.25 4.30 -1.89
CA ASP B 40 -11.13 5.08 -3.12
C ASP B 40 -12.33 5.99 -3.37
N PRO B 41 -12.10 7.31 -3.31
CA PRO B 41 -13.18 8.28 -3.53
C PRO B 41 -13.86 8.30 -4.90
N LEU B 42 -13.23 7.76 -5.93
CA LEU B 42 -13.88 7.76 -7.25
C LEU B 42 -14.69 6.47 -7.40
N ASP B 43 -15.97 6.60 -7.69
CA ASP B 43 -16.84 5.44 -7.88
C ASP B 43 -16.59 4.73 -9.19
N TYR B 44 -16.21 5.49 -10.22
CA TYR B 44 -15.95 4.89 -11.53
C TYR B 44 -14.92 5.69 -12.31
N VAL B 45 -14.29 4.99 -13.24
CA VAL B 45 -13.34 5.61 -14.15
C VAL B 45 -13.59 4.97 -15.52
N SER B 46 -14.08 5.78 -16.46
CA SER B 46 -14.32 5.27 -17.80
C SER B 46 -13.03 5.39 -18.61
N MET B 47 -12.78 4.42 -19.49
CA MET B 47 -11.58 4.43 -20.30
C MET B 47 -11.91 4.24 -21.78
N TYR B 48 -11.74 5.30 -22.56
CA TYR B 48 -12.05 5.27 -23.98
C TYR B 48 -10.84 5.23 -24.89
N ARG B 49 -11.09 4.92 -26.16
CA ARG B 49 -10.03 4.90 -27.15
C ARG B 49 -10.23 6.14 -27.99
N ASN B 50 -9.23 7.00 -28.07
CA ASN B 50 -9.36 8.21 -28.88
C ASN B 50 -8.43 8.05 -30.07
N VAL B 51 -9.00 8.00 -31.27
CA VAL B 51 -8.19 7.82 -32.48
C VAL B 51 -7.29 9.02 -32.72
N GLY B 52 -7.59 10.11 -32.03
CA GLY B 52 -6.81 11.32 -32.20
C GLY B 52 -7.10 12.00 -33.51
N SER B 53 -6.05 12.45 -34.17
CA SER B 53 -6.22 13.13 -35.43
C SER B 53 -5.04 13.13 -36.35
N PRO B 54 -5.04 12.20 -37.33
CA PRO B 54 -3.91 12.20 -38.28
C PRO B 54 -4.39 13.43 -39.06
N SER B 55 -3.45 14.32 -39.40
CA SER B 55 -3.77 15.58 -40.10
C SER B 55 -3.05 16.55 -39.19
N ALA B 56 -3.49 16.58 -37.94
CA ALA B 56 -2.86 17.42 -36.94
C ALA B 56 -1.73 16.54 -36.41
N ASN B 57 -1.13 16.95 -35.29
CA ASN B 57 -0.02 16.16 -34.70
C ASN B 57 -0.62 15.22 -33.65
N ILE B 58 -1.91 14.89 -33.72
CA ILE B 58 -2.47 14.15 -32.60
C ILE B 58 -2.60 12.64 -32.68
N PRO B 59 -1.69 11.91 -32.00
CA PRO B 59 -1.66 10.44 -31.98
C PRO B 59 -2.81 9.76 -31.25
N GLU B 60 -3.00 8.48 -31.55
CA GLU B 60 -4.03 7.67 -30.93
C GLU B 60 -3.68 7.52 -29.45
N HIS B 61 -4.64 7.76 -28.57
CA HIS B 61 -4.40 7.66 -27.13
C HIS B 61 -5.59 7.17 -26.33
N TRP B 62 -5.35 6.83 -25.07
CA TRP B 62 -6.43 6.38 -24.19
C TRP B 62 -6.88 7.59 -23.40
N HIS B 63 -8.20 7.77 -23.26
CA HIS B 63 -8.79 8.91 -22.56
C HIS B 63 -9.53 8.43 -21.30
N TYR B 64 -9.17 8.98 -20.13
CA TYR B 64 -9.80 8.58 -18.88
C TYR B 64 -10.67 9.68 -18.26
N ILE B 65 -11.83 9.31 -17.73
CA ILE B 65 -12.71 10.28 -17.10
C ILE B 65 -13.17 9.72 -15.78
N SER B 66 -13.13 10.54 -14.72
CA SER B 66 -13.52 10.08 -13.39
C SER B 66 -14.96 10.44 -12.97
N PHE B 67 -15.47 9.70 -11.99
CA PHE B 67 -16.81 9.92 -11.45
C PHE B 67 -16.74 9.84 -9.93
N GLY B 68 -17.01 10.95 -9.25
CA GLY B 68 -16.98 10.96 -7.81
C GLY B 68 -16.55 12.29 -7.21
N LEU B 69 -15.76 13.06 -7.95
CA LEU B 69 -15.32 14.34 -7.43
C LEU B 69 -16.50 15.28 -7.48
N SER B 70 -17.37 15.07 -8.47
CA SER B 70 -18.57 15.90 -8.62
C SER B 70 -19.71 15.19 -7.90
N ASP B 71 -20.85 15.87 -7.78
CA ASP B 71 -22.01 15.29 -7.10
C ASP B 71 -22.81 14.39 -8.04
N LEU B 72 -22.59 13.09 -7.94
CA LEU B 72 -23.27 12.15 -8.80
C LEU B 72 -24.72 11.88 -8.43
N TYR B 73 -24.98 11.72 -7.14
CA TYR B 73 -26.31 11.38 -6.66
C TYR B 73 -27.20 12.48 -6.10
N GLY B 74 -26.61 13.59 -5.68
CA GLY B 74 -27.42 14.68 -5.14
C GLY B 74 -28.20 14.39 -3.87
N ASP B 75 -27.87 13.31 -3.17
CA ASP B 75 -28.55 12.98 -1.91
C ASP B 75 -27.65 13.05 -0.68
N ASN B 76 -26.65 13.92 -0.74
CA ASN B 76 -25.73 14.12 0.36
C ASN B 76 -25.02 12.89 0.90
N ARG B 77 -24.82 11.87 0.08
CA ARG B 77 -24.12 10.70 0.57
C ARG B 77 -22.59 10.92 0.50
N VAL B 78 -22.14 11.84 -0.35
CA VAL B 78 -20.70 12.09 -0.47
C VAL B 78 -20.39 13.58 -0.43
N HIS B 79 -21.11 14.34 -1.26
CA HIS B 79 -20.96 15.78 -1.31
C HIS B 79 -22.23 16.44 -0.83
N GLU B 80 -22.14 17.69 -0.44
CA GLU B 80 -23.33 18.38 0.01
C GLU B 80 -24.03 19.05 -1.15
N PHE B 81 -25.32 18.81 -1.27
CA PHE B 81 -26.04 19.46 -2.35
C PHE B 81 -26.06 20.98 -2.12
N THR B 82 -25.67 21.72 -3.17
CA THR B 82 -25.60 23.19 -3.12
C THR B 82 -26.23 23.90 -4.33
N GLY B 83 -27.44 23.50 -4.69
CA GLY B 83 -28.10 24.13 -5.83
C GLY B 83 -27.52 23.76 -7.18
N THR B 84 -28.21 24.17 -8.24
CA THR B 84 -27.80 23.88 -9.61
C THR B 84 -26.89 24.96 -10.18
N ASP B 85 -26.65 26.00 -9.41
CA ASP B 85 -25.80 27.07 -9.89
C ASP B 85 -24.35 26.77 -9.58
N GLY B 86 -23.99 26.83 -8.30
CA GLY B 86 -22.63 26.56 -7.90
C GLY B 86 -22.05 25.29 -8.50
N PRO B 87 -20.86 24.89 -8.05
CA PRO B 87 -20.29 23.68 -8.60
C PRO B 87 -20.93 22.42 -8.02
N SER B 88 -20.95 21.36 -8.82
CA SER B 88 -21.47 20.07 -8.37
C SER B 88 -20.33 19.39 -7.59
N GLY B 89 -20.53 19.16 -6.30
CA GLY B 89 -19.46 18.57 -5.48
C GLY B 89 -18.26 19.50 -5.53
N PHE B 90 -17.08 18.96 -5.83
CA PHE B 90 -15.90 19.79 -5.91
C PHE B 90 -15.87 20.63 -7.17
N GLY B 91 -16.84 20.38 -8.05
CA GLY B 91 -16.93 21.17 -9.28
C GLY B 91 -16.28 20.61 -10.52
N PHE B 92 -15.60 19.48 -10.40
CA PHE B 92 -14.94 18.94 -11.56
C PHE B 92 -14.67 17.46 -11.41
N GLU B 93 -14.14 16.87 -12.47
CA GLU B 93 -13.77 15.47 -12.49
C GLU B 93 -12.41 15.46 -13.19
N LEU B 94 -11.61 14.44 -12.90
CA LEU B 94 -10.30 14.36 -13.51
C LEU B 94 -10.35 13.58 -14.82
N THR B 95 -9.48 13.95 -15.75
CA THR B 95 -9.37 13.22 -17.00
C THR B 95 -7.87 13.04 -17.25
N PHE B 96 -7.53 12.15 -18.19
CA PHE B 96 -6.13 11.90 -18.48
C PHE B 96 -6.02 11.32 -19.87
N ARG B 97 -4.98 11.69 -20.61
CA ARG B 97 -4.78 11.16 -21.95
C ARG B 97 -3.43 10.46 -22.02
N LEU B 98 -3.46 9.14 -22.23
CA LEU B 98 -2.24 8.34 -22.29
C LEU B 98 -1.94 7.87 -23.71
N LYS B 99 -0.75 8.21 -24.21
CA LYS B 99 -0.38 7.80 -25.56
C LYS B 99 -0.49 6.31 -25.68
N ARG B 100 -1.14 5.86 -26.76
CA ARG B 100 -1.30 4.44 -26.97
C ARG B 100 -0.02 3.82 -27.51
N GLU B 101 0.38 2.68 -26.95
CA GLU B 101 1.58 1.98 -27.39
C GLU B 101 1.13 0.82 -28.27
N THR B 102 1.88 0.55 -29.33
CA THR B 102 1.55 -0.54 -30.23
C THR B 102 1.30 -1.83 -29.45
N GLY B 103 0.33 -2.60 -29.93
CA GLY B 103 -0.01 -3.85 -29.29
C GLY B 103 -0.89 -3.67 -28.05
N GLU B 104 -1.51 -2.51 -27.91
CA GLU B 104 -2.39 -2.31 -26.77
C GLU B 104 -3.82 -2.47 -27.27
N SER B 105 -4.44 -3.58 -26.87
CA SER B 105 -5.79 -3.89 -27.29
C SER B 105 -6.81 -3.10 -26.48
N ALA B 106 -6.48 -2.85 -25.21
CA ALA B 106 -7.34 -2.08 -24.33
C ALA B 106 -6.54 -1.03 -23.60
N PRO B 107 -7.20 -0.06 -22.98
CA PRO B 107 -6.46 0.97 -22.25
C PRO B 107 -5.89 0.41 -20.94
N PRO B 108 -4.63 0.72 -20.62
CA PRO B 108 -4.10 0.19 -19.36
C PRO B 108 -4.87 0.77 -18.18
N THR B 109 -5.00 0.00 -17.10
CA THR B 109 -5.79 0.47 -15.97
C THR B 109 -5.11 1.25 -14.84
N TRP B 110 -3.78 1.34 -14.85
CA TRP B 110 -3.11 2.07 -13.77
C TRP B 110 -3.55 3.55 -13.61
N PRO B 111 -3.90 4.23 -14.71
CA PRO B 111 -4.31 5.62 -14.49
C PRO B 111 -5.48 5.82 -13.50
N ALA B 112 -6.36 4.82 -13.34
CA ALA B 112 -7.48 4.95 -12.39
C ALA B 112 -6.88 5.13 -11.01
N GLU B 113 -5.85 4.35 -10.75
CA GLU B 113 -5.14 4.39 -9.50
C GLU B 113 -4.55 5.79 -9.22
N LEU B 114 -3.87 6.34 -10.21
CA LEU B 114 -3.30 7.65 -10.11
C LEU B 114 -4.44 8.62 -9.74
N MET B 115 -5.57 8.53 -10.45
CA MET B 115 -6.69 9.44 -10.17
C MET B 115 -7.24 9.30 -8.77
N GLN B 116 -7.36 8.06 -8.28
CA GLN B 116 -7.86 7.83 -6.92
C GLN B 116 -6.95 8.57 -5.93
N GLY B 117 -5.65 8.46 -6.15
CA GLY B 117 -4.69 9.13 -5.29
C GLY B 117 -4.91 10.64 -5.28
N LEU B 118 -5.08 11.23 -6.45
CA LEU B 118 -5.31 12.66 -6.53
C LEU B 118 -6.63 13.01 -5.88
N ALA B 119 -7.66 12.20 -6.16
CA ALA B 119 -8.97 12.46 -5.61
C ALA B 119 -8.91 12.37 -4.09
N ARG B 120 -8.19 11.39 -3.60
CA ARG B 120 -8.05 11.21 -2.16
C ARG B 120 -7.50 12.50 -1.49
N TYR B 121 -6.60 13.22 -2.16
CA TYR B 121 -6.06 14.46 -1.62
C TYR B 121 -7.20 15.49 -1.55
N VAL B 122 -8.00 15.59 -2.61
CA VAL B 122 -9.09 16.56 -2.64
C VAL B 122 -10.15 16.27 -1.59
N PHE B 123 -10.60 15.03 -1.52
CA PHE B 123 -11.62 14.67 -0.53
C PHE B 123 -11.19 14.96 0.91
N GLN B 124 -9.98 14.59 1.29
CA GLN B 124 -9.54 14.78 2.67
C GLN B 124 -9.09 16.17 3.09
N SER B 125 -8.44 16.88 2.19
CA SER B 125 -7.97 18.22 2.52
C SER B 125 -9.09 19.18 2.20
N GLU B 126 -9.93 18.77 1.25
CA GLU B 126 -11.05 19.58 0.82
C GLU B 126 -10.60 20.81 0.03
N ASN B 127 -9.38 20.77 -0.50
CA ASN B 127 -8.88 21.88 -1.32
C ASN B 127 -9.01 21.40 -2.73
N THR B 128 -9.57 22.22 -3.61
CA THR B 128 -9.77 21.80 -4.99
C THR B 128 -8.57 22.10 -5.87
N PHE B 129 -8.61 21.69 -7.13
CA PHE B 129 -7.51 21.96 -8.06
C PHE B 129 -8.03 22.86 -9.20
N CYS B 130 -7.13 23.62 -9.83
CA CYS B 130 -7.49 24.51 -10.93
C CYS B 130 -6.55 24.36 -12.11
N SER B 131 -7.00 24.80 -13.27
CA SER B 131 -6.17 24.75 -14.45
C SER B 131 -4.90 25.51 -14.04
N GLY B 132 -3.75 25.04 -14.49
CA GLY B 132 -2.51 25.73 -14.15
C GLY B 132 -1.81 25.23 -12.89
N ASP B 133 -2.52 24.51 -12.04
CA ASP B 133 -1.92 24.00 -10.82
C ASP B 133 -0.91 22.92 -11.16
N HIS B 134 0.02 22.67 -10.24
CA HIS B 134 1.00 21.61 -10.43
C HIS B 134 0.93 20.71 -9.20
N VAL B 135 1.26 19.44 -9.36
CA VAL B 135 1.26 18.54 -8.23
C VAL B 135 2.61 17.83 -8.23
N SER B 136 3.38 18.00 -7.17
CA SER B 136 4.70 17.37 -7.09
C SER B 136 4.58 15.91 -6.68
N TRP B 137 3.98 15.11 -7.55
CA TRP B 137 3.77 13.69 -7.25
C TRP B 137 5.04 13.05 -6.74
N HIS B 138 6.17 13.44 -7.32
CA HIS B 138 7.45 12.93 -6.89
C HIS B 138 7.60 11.42 -7.07
N SER B 139 7.06 10.89 -8.15
CA SER B 139 7.19 9.46 -8.38
C SER B 139 6.71 9.13 -9.77
N PRO B 140 7.39 8.21 -10.47
CA PRO B 140 6.89 7.92 -11.81
C PRO B 140 5.41 7.56 -11.69
N LEU B 141 4.56 8.27 -12.42
CA LEU B 141 3.11 8.11 -12.37
C LEU B 141 2.57 6.69 -12.49
N ASP B 142 3.23 5.86 -13.27
CA ASP B 142 2.76 4.48 -13.45
C ASP B 142 3.65 3.46 -12.73
N ASN B 143 4.37 3.92 -11.71
CA ASN B 143 5.24 3.03 -10.95
C ASN B 143 6.26 2.30 -11.80
N SER B 144 6.66 2.92 -12.91
CA SER B 144 7.68 2.33 -13.77
C SER B 144 8.97 3.11 -13.48
N GLU B 145 9.80 3.25 -14.49
CA GLU B 145 11.06 3.98 -14.33
C GLU B 145 10.93 5.33 -15.04
N SER B 146 9.77 5.56 -15.65
CA SER B 146 9.53 6.79 -16.39
C SER B 146 10.06 8.07 -15.75
N ARG B 147 10.39 9.01 -16.62
CA ARG B 147 10.90 10.30 -16.18
C ARG B 147 9.71 11.21 -15.88
N ILE B 148 8.50 10.76 -16.23
CA ILE B 148 7.28 11.53 -15.98
C ILE B 148 6.89 11.22 -14.54
N GLN B 149 7.21 12.14 -13.63
CA GLN B 149 6.97 11.95 -12.21
C GLN B 149 6.16 13.03 -11.51
N HIS B 150 5.64 13.98 -12.26
CA HIS B 150 4.83 15.05 -11.69
C HIS B 150 3.68 15.38 -12.59
N MET B 151 2.80 16.26 -12.12
CA MET B 151 1.63 16.61 -12.88
C MET B 151 1.30 18.10 -12.92
N LEU B 152 0.70 18.48 -14.05
CA LEU B 152 0.22 19.85 -14.24
C LEU B 152 -1.23 19.58 -14.60
N LEU B 153 -2.11 20.53 -14.29
CA LEU B 153 -3.52 20.37 -14.58
C LEU B 153 -3.95 21.46 -15.54
N THR B 154 -4.77 21.09 -16.52
CA THR B 154 -5.26 22.03 -17.50
C THR B 154 -6.69 21.60 -17.83
N GLU B 155 -7.48 22.45 -18.50
CA GLU B 155 -8.83 22.01 -18.80
C GLU B 155 -8.76 21.03 -19.96
N ASP B 156 -9.60 20.00 -19.92
CA ASP B 156 -9.64 18.99 -20.98
C ASP B 156 -9.93 19.66 -22.32
N PRO B 157 -9.12 19.37 -23.34
CA PRO B 157 -9.29 19.97 -24.66
C PRO B 157 -10.61 19.67 -25.36
N GLN B 158 -11.29 18.59 -24.99
CA GLN B 158 -12.56 18.21 -25.62
C GLN B 158 -13.76 18.16 -24.69
N MET B 159 -13.59 17.53 -23.53
CA MET B 159 -14.68 17.44 -22.58
C MET B 159 -15.06 18.85 -22.17
N GLN B 160 -16.31 19.22 -22.39
CA GLN B 160 -16.74 20.56 -22.03
C GLN B 160 -17.58 20.58 -20.76
N PRO B 161 -17.54 21.69 -20.02
CA PRO B 161 -18.31 21.78 -18.79
C PRO B 161 -19.78 21.44 -19.03
N VAL B 162 -20.34 20.68 -18.10
CA VAL B 162 -21.71 20.22 -18.20
C VAL B 162 -22.61 20.74 -17.11
N GLN B 163 -23.86 21.01 -17.48
CA GLN B 163 -24.86 21.46 -16.52
C GLN B 163 -25.47 20.23 -15.89
N THR B 164 -25.73 20.30 -14.59
CA THR B 164 -26.29 19.18 -13.87
C THR B 164 -27.34 19.66 -12.93
N PRO B 165 -28.29 18.80 -12.57
CA PRO B 165 -29.30 19.29 -11.63
C PRO B 165 -28.66 19.51 -10.28
N PHE B 166 -27.41 19.10 -10.14
CA PHE B 166 -26.71 19.29 -8.86
C PHE B 166 -25.55 20.30 -8.93
N GLY B 167 -25.43 21.00 -10.06
CA GLY B 167 -24.38 21.98 -10.20
C GLY B 167 -23.57 21.84 -11.47
N VAL B 168 -22.63 22.75 -11.69
CA VAL B 168 -21.80 22.70 -12.88
C VAL B 168 -20.59 21.79 -12.67
N VAL B 169 -20.18 21.10 -13.73
CA VAL B 169 -19.03 20.20 -13.67
C VAL B 169 -18.05 20.50 -14.78
N THR B 170 -16.79 20.79 -14.44
CA THR B 170 -15.78 21.03 -15.46
C THR B 170 -14.86 19.82 -15.48
N PHE B 171 -13.93 19.77 -16.44
CA PHE B 171 -13.04 18.63 -16.51
C PHE B 171 -11.60 19.06 -16.52
N LEU B 172 -10.87 18.61 -15.50
CA LEU B 172 -9.45 18.92 -15.33
C LEU B 172 -8.61 17.76 -15.80
N GLN B 173 -7.82 18.01 -16.84
CA GLN B 173 -6.98 16.97 -17.40
C GLN B 173 -5.59 16.98 -16.80
N ILE B 174 -5.15 15.78 -16.43
CA ILE B 174 -3.82 15.59 -15.85
C ILE B 174 -2.81 15.53 -17.01
N VAL B 175 -1.68 16.18 -16.84
CA VAL B 175 -0.63 16.18 -17.85
C VAL B 175 0.68 15.84 -17.15
N GLY B 176 1.23 14.67 -17.46
CA GLY B 176 2.47 14.27 -16.83
C GLY B 176 3.64 15.10 -17.34
N VAL B 177 4.58 15.43 -16.46
CA VAL B 177 5.76 16.21 -16.82
C VAL B 177 7.00 15.75 -16.05
N CYS B 178 8.17 16.22 -16.49
CA CYS B 178 9.44 15.87 -15.85
C CYS B 178 9.73 16.87 -14.73
N THR B 179 10.54 16.46 -13.75
CA THR B 179 10.84 17.35 -12.63
C THR B 179 11.36 18.70 -13.13
N GLU B 180 12.19 18.73 -14.18
CA GLU B 180 12.71 20.00 -14.69
C GLU B 180 11.56 20.87 -15.16
N GLU B 181 10.54 20.22 -15.72
CA GLU B 181 9.38 20.96 -16.20
C GLU B 181 8.54 21.43 -15.03
N LEU B 182 8.46 20.63 -13.97
CA LEU B 182 7.71 21.04 -12.79
C LEU B 182 8.37 22.28 -12.18
N HIS B 183 9.69 22.24 -12.02
CA HIS B 183 10.44 23.36 -11.45
C HIS B 183 10.21 24.61 -12.28
N SER B 184 10.23 24.42 -13.60
CA SER B 184 10.02 25.50 -14.53
C SER B 184 8.65 26.13 -14.27
N ALA B 185 7.66 25.29 -13.99
CA ALA B 185 6.31 25.79 -13.71
C ALA B 185 6.29 26.58 -12.40
N GLN B 186 7.13 26.17 -11.46
CA GLN B 186 7.21 26.84 -10.17
C GLN B 186 7.90 28.18 -10.28
N GLN B 187 8.93 28.25 -11.11
CA GLN B 187 9.66 29.50 -11.30
C GLN B 187 8.81 30.52 -12.04
N TRP B 188 8.11 30.07 -13.06
CA TRP B 188 7.25 30.92 -13.88
C TRP B 188 5.81 30.65 -13.46
N ASN B 189 5.04 29.92 -14.28
CA ASN B 189 3.66 29.55 -13.92
C ASN B 189 3.16 28.37 -14.77
N GLY B 190 2.18 27.64 -14.23
CA GLY B 190 1.64 26.48 -14.92
C GLY B 190 1.17 26.74 -16.35
N GLN B 191 0.36 27.77 -16.53
CA GLN B 191 -0.14 28.09 -17.85
C GLN B 191 0.97 28.24 -18.87
N GLY B 192 2.11 28.79 -18.45
CA GLY B 192 3.23 28.98 -19.36
C GLY B 192 3.80 27.67 -19.84
N ILE B 193 4.11 26.77 -18.91
CA ILE B 193 4.66 25.48 -19.26
C ILE B 193 3.65 24.66 -20.08
N LEU B 194 2.37 24.85 -19.77
CA LEU B 194 1.33 24.16 -20.52
C LEU B 194 1.36 24.62 -21.99
N GLU B 195 1.52 25.93 -22.20
CA GLU B 195 1.59 26.48 -23.55
C GLU B 195 2.76 25.81 -24.26
N LEU B 196 3.93 25.84 -23.62
CA LEU B 196 5.11 25.24 -24.23
C LEU B 196 4.86 23.79 -24.58
N LEU B 197 4.33 23.03 -23.64
CA LEU B 197 4.06 21.61 -23.87
C LEU B 197 3.21 21.39 -25.10
N ARG B 198 2.30 22.31 -25.38
CA ARG B 198 1.44 22.17 -26.55
C ARG B 198 2.23 22.30 -27.86
N THR B 199 3.31 23.07 -27.83
CA THR B 199 4.12 23.28 -29.02
C THR B 199 5.08 22.15 -29.30
N VAL B 200 5.19 21.21 -28.38
CA VAL B 200 6.08 20.09 -28.56
C VAL B 200 5.25 18.82 -28.56
N PRO B 201 4.76 18.42 -29.74
CA PRO B 201 3.95 17.22 -29.89
C PRO B 201 4.32 15.99 -29.06
N ILE B 202 5.58 15.56 -29.09
CA ILE B 202 5.95 14.37 -28.34
C ILE B 202 5.82 14.54 -26.84
N ALA B 203 5.75 15.77 -26.38
CA ALA B 203 5.65 16.05 -24.95
C ALA B 203 4.22 16.39 -24.53
N GLY B 204 3.32 16.51 -25.50
CA GLY B 204 1.95 16.82 -25.18
C GLY B 204 1.12 17.15 -26.41
N GLY B 205 1.59 18.11 -27.18
CA GLY B 205 0.87 18.49 -28.37
C GLY B 205 -0.34 19.32 -28.02
N PRO B 206 -1.16 19.67 -29.01
CA PRO B 206 -2.37 20.47 -28.82
C PRO B 206 -3.29 19.94 -27.72
N TRP B 207 -3.44 18.63 -27.62
CA TRP B 207 -4.34 18.05 -26.62
C TRP B 207 -3.62 17.61 -25.33
N LEU B 208 -2.34 17.91 -25.24
CA LEU B 208 -1.59 17.55 -24.05
C LEU B 208 -1.69 16.09 -23.63
N ILE B 209 -1.30 15.21 -24.54
CA ILE B 209 -1.30 13.78 -24.32
C ILE B 209 -0.01 13.43 -23.59
N THR B 210 -0.09 12.51 -22.64
CA THR B 210 1.09 12.12 -21.88
C THR B 210 1.72 10.85 -22.44
N ASP B 211 3.04 10.87 -22.60
CA ASP B 211 3.79 9.73 -23.09
C ASP B 211 4.73 9.35 -21.96
N MET B 212 4.35 8.31 -21.23
CA MET B 212 5.16 7.84 -20.12
C MET B 212 6.56 7.38 -20.52
N ARG B 213 6.80 7.25 -21.82
CA ARG B 213 8.11 6.81 -22.26
C ARG B 213 9.05 7.92 -22.71
N ARG B 214 8.55 9.15 -22.71
CA ARG B 214 9.33 10.32 -23.11
C ARG B 214 10.61 10.31 -22.27
N GLY B 215 11.76 10.40 -22.92
CA GLY B 215 13.00 10.37 -22.18
C GLY B 215 13.65 11.73 -22.06
N GLU B 216 13.06 12.73 -22.73
CA GLU B 216 13.62 14.07 -22.71
C GLU B 216 12.70 15.19 -22.30
N THR B 217 13.28 16.19 -21.67
CA THR B 217 12.50 17.34 -21.22
C THR B 217 12.27 18.18 -22.47
N ILE B 218 11.28 19.07 -22.42
CA ILE B 218 11.03 19.89 -23.57
C ILE B 218 12.26 20.76 -23.83
N PHE B 219 12.96 21.11 -22.76
CA PHE B 219 14.15 21.94 -22.88
C PHE B 219 15.31 21.21 -23.56
N GLU B 220 15.43 19.91 -23.31
CA GLU B 220 16.51 19.14 -23.93
C GLU B 220 16.16 18.95 -25.41
N ILE B 221 14.87 18.91 -25.68
CA ILE B 221 14.41 18.75 -27.05
C ILE B 221 14.67 20.01 -27.89
N ASP B 222 14.43 21.17 -27.31
CA ASP B 222 14.63 22.46 -27.94
C ASP B 222 15.02 23.47 -26.93
N PRO B 223 16.33 23.48 -26.63
CA PRO B 223 16.91 24.40 -25.67
C PRO B 223 16.51 25.86 -25.78
N HIS B 224 15.77 26.23 -26.81
CA HIS B 224 15.32 27.59 -26.97
C HIS B 224 14.10 27.97 -26.14
N LEU B 225 13.31 26.97 -25.76
CA LEU B 225 12.15 27.22 -24.96
C LEU B 225 12.54 27.90 -23.65
N GLN B 226 13.76 27.64 -23.20
CA GLN B 226 14.24 28.25 -21.96
C GLN B 226 14.13 29.78 -22.04
N GLU B 227 14.47 30.32 -23.19
CA GLU B 227 14.40 31.77 -23.42
C GLU B 227 13.00 32.23 -23.11
N ARG B 228 12.04 31.53 -23.69
CA ARG B 228 10.64 31.85 -23.49
C ARG B 228 10.28 31.87 -22.02
N VAL B 229 10.87 30.96 -21.26
CA VAL B 229 10.57 30.90 -19.83
C VAL B 229 11.16 32.13 -19.16
N ASP B 230 12.42 32.41 -19.45
CA ASP B 230 13.08 33.56 -18.86
C ASP B 230 12.29 34.85 -19.08
N LYS B 231 11.81 35.05 -20.31
CA LYS B 231 11.03 36.24 -20.62
C LYS B 231 9.76 36.27 -19.80
N GLY B 232 9.06 35.14 -19.78
CA GLY B 232 7.83 35.04 -19.01
C GLY B 232 8.03 35.47 -17.57
N ILE B 233 8.99 34.83 -16.90
CA ILE B 233 9.28 35.16 -15.51
C ILE B 233 9.45 36.67 -15.38
N GLU B 234 10.33 37.20 -16.21
CA GLU B 234 10.65 38.61 -16.24
C GLU B 234 9.37 39.45 -16.40
N THR B 235 8.66 39.24 -17.50
CA THR B 235 7.43 39.95 -17.80
C THR B 235 6.26 39.30 -17.08
N ASP B 236 6.29 39.33 -15.76
CA ASP B 236 5.22 38.71 -14.99
C ASP B 236 5.34 39.20 -13.55
N LEU C 3 -29.95 -2.66 3.26
CA LEU C 3 -29.04 -3.86 3.15
C LEU C 3 -28.21 -3.86 1.88
N PHE C 4 -27.00 -4.40 1.98
CA PHE C 4 -26.14 -4.54 0.82
C PHE C 4 -26.67 -5.82 0.18
N PRO C 5 -26.89 -5.82 -1.14
CA PRO C 5 -27.40 -7.02 -1.82
C PRO C 5 -26.85 -8.34 -1.30
N PRO C 6 -27.72 -9.16 -0.70
CA PRO C 6 -27.30 -10.46 -0.17
C PRO C 6 -26.54 -11.30 -1.18
N GLY C 7 -27.03 -11.34 -2.41
CA GLY C 7 -26.37 -12.11 -3.45
C GLY C 7 -24.92 -11.67 -3.63
N LEU C 8 -24.69 -10.36 -3.72
CA LEU C 8 -23.35 -9.83 -3.89
C LEU C 8 -22.49 -10.15 -2.68
N HIS C 9 -23.09 -9.99 -1.51
CA HIS C 9 -22.42 -10.23 -0.25
C HIS C 9 -21.85 -11.63 -0.17
N ALA C 10 -22.67 -12.62 -0.46
CA ALA C 10 -22.25 -14.02 -0.39
C ALA C 10 -21.05 -14.31 -1.29
N ILE C 11 -21.07 -13.78 -2.50
CA ILE C 11 -19.97 -14.02 -3.43
C ILE C 11 -18.73 -13.31 -2.97
N TYR C 12 -18.88 -12.05 -2.57
CA TYR C 12 -17.75 -11.27 -2.09
C TYR C 12 -17.09 -12.02 -0.94
N GLY C 13 -17.91 -12.64 -0.11
CA GLY C 13 -17.39 -13.41 1.03
C GLY C 13 -16.41 -14.48 0.62
N GLU C 14 -16.79 -15.32 -0.35
CA GLU C 14 -15.93 -16.38 -0.83
C GLU C 14 -14.61 -15.79 -1.35
N CYS C 15 -14.72 -14.69 -2.10
CA CYS C 15 -13.55 -14.04 -2.67
C CYS C 15 -12.54 -13.63 -1.60
N ARG C 16 -13.02 -13.16 -0.45
CA ARG C 16 -12.10 -12.76 0.60
C ARG C 16 -11.43 -13.93 1.28
N ARG C 17 -12.19 -15.00 1.47
CA ARG C 17 -11.63 -16.18 2.10
C ARG C 17 -10.41 -16.58 1.27
N LEU C 18 -10.48 -16.38 -0.05
CA LEU C 18 -9.37 -16.72 -0.94
C LEU C 18 -8.30 -15.67 -1.07
N TYR C 19 -8.71 -14.40 -1.01
CA TYR C 19 -7.75 -13.32 -1.16
C TYR C 19 -7.85 -12.31 -0.02
N PRO C 20 -7.62 -12.77 1.22
CA PRO C 20 -7.68 -11.88 2.38
C PRO C 20 -6.83 -10.62 2.25
N ASP C 21 -5.80 -10.65 1.40
CA ASP C 21 -4.97 -9.46 1.26
C ASP C 21 -5.26 -8.59 0.05
N GLN C 22 -6.39 -8.83 -0.61
CA GLN C 22 -6.77 -8.03 -1.77
C GLN C 22 -8.22 -7.55 -1.61
N PRO C 23 -8.49 -6.76 -0.56
CA PRO C 23 -9.83 -6.24 -0.29
C PRO C 23 -10.29 -5.21 -1.31
N ASN C 24 -9.36 -4.69 -2.10
CA ASN C 24 -9.70 -3.68 -3.07
C ASN C 24 -9.16 -3.97 -4.47
N PRO C 25 -9.51 -5.14 -5.02
CA PRO C 25 -9.08 -5.57 -6.35
C PRO C 25 -9.65 -4.73 -7.48
N LEU C 26 -9.05 -4.88 -8.66
CA LEU C 26 -9.55 -4.19 -9.83
C LEU C 26 -10.92 -4.82 -10.12
N GLN C 27 -11.94 -3.98 -10.29
CA GLN C 27 -13.25 -4.52 -10.60
C GLN C 27 -13.81 -3.73 -11.78
N VAL C 28 -14.29 -4.49 -12.77
CA VAL C 28 -14.88 -3.92 -13.98
C VAL C 28 -16.41 -3.98 -13.89
N THR C 29 -17.10 -2.98 -14.43
CA THR C 29 -18.57 -2.97 -14.37
C THR C 29 -19.19 -2.48 -15.67
N ALA C 30 -20.48 -2.78 -15.84
CA ALA C 30 -21.20 -2.34 -17.02
C ALA C 30 -21.62 -0.92 -16.67
N ILE C 31 -21.25 0.02 -17.54
CA ILE C 31 -21.57 1.42 -17.27
C ILE C 31 -23.08 1.61 -17.20
N VAL C 32 -23.82 0.91 -18.05
CA VAL C 32 -25.27 0.96 -18.00
C VAL C 32 -25.61 -0.48 -17.69
N LYS C 33 -26.07 -0.75 -16.47
CA LYS C 33 -26.42 -2.11 -16.07
C LYS C 33 -27.48 -2.72 -16.98
N TYR C 34 -27.45 -4.05 -17.05
CA TYR C 34 -28.41 -4.80 -17.87
C TYR C 34 -29.86 -4.47 -17.50
N TRP C 35 -30.16 -4.50 -16.21
CA TRP C 35 -31.51 -4.21 -15.75
C TRP C 35 -31.91 -2.75 -15.89
N LEU C 36 -31.12 -1.99 -16.63
CA LEU C 36 -31.45 -0.59 -16.90
C LEU C 36 -31.51 -0.40 -18.40
N GLY C 37 -31.36 -1.51 -19.14
CA GLY C 37 -31.40 -1.44 -20.59
C GLY C 37 -30.07 -1.71 -21.25
N GLY C 38 -29.03 -1.92 -20.44
CA GLY C 38 -27.71 -2.19 -20.99
C GLY C 38 -27.60 -3.55 -21.69
N PRO C 39 -26.59 -3.70 -22.56
CA PRO C 39 -26.32 -4.92 -23.32
C PRO C 39 -25.54 -6.02 -22.61
N ASP C 40 -24.84 -5.67 -21.52
CA ASP C 40 -24.04 -6.66 -20.78
C ASP C 40 -24.71 -7.21 -19.53
N PRO C 41 -25.03 -8.50 -19.54
CA PRO C 41 -25.69 -9.09 -18.38
C PRO C 41 -24.91 -9.17 -17.08
N LEU C 42 -23.60 -9.06 -17.13
CA LEU C 42 -22.83 -9.14 -15.88
C LEU C 42 -22.62 -7.74 -15.33
N ASP C 43 -23.04 -7.51 -14.09
CA ASP C 43 -22.91 -6.20 -13.46
C ASP C 43 -21.47 -5.90 -13.10
N TYR C 44 -20.75 -6.93 -12.68
CA TYR C 44 -19.35 -6.75 -12.30
C TYR C 44 -18.51 -7.97 -12.62
N VAL C 45 -17.21 -7.74 -12.73
CA VAL C 45 -16.23 -8.80 -12.92
C VAL C 45 -15.01 -8.43 -12.08
N SER C 46 -14.78 -9.15 -10.99
CA SER C 46 -13.65 -8.88 -10.12
C SER C 46 -12.44 -9.59 -10.69
N MET C 47 -11.27 -8.97 -10.56
CA MET C 47 -10.04 -9.55 -11.09
C MET C 47 -8.94 -9.60 -10.03
N TYR C 48 -8.61 -10.79 -9.57
CA TYR C 48 -7.60 -10.96 -8.53
C TYR C 48 -6.26 -11.52 -9.01
N ARG C 49 -5.24 -11.35 -8.18
CA ARG C 49 -3.92 -11.91 -8.51
C ARG C 49 -3.78 -13.16 -7.66
N ASN C 50 -3.54 -14.29 -8.31
CA ASN C 50 -3.40 -15.55 -7.59
C ASN C 50 -1.94 -15.98 -7.72
N VAL C 51 -1.22 -15.97 -6.60
CA VAL C 51 0.20 -16.32 -6.61
C VAL C 51 0.42 -17.78 -6.99
N GLY C 52 -0.66 -18.54 -7.00
CA GLY C 52 -0.57 -19.94 -7.37
C GLY C 52 0.11 -20.74 -6.28
N SER C 53 0.96 -21.67 -6.69
CA SER C 53 1.67 -22.49 -5.73
C SER C 53 2.96 -23.00 -6.31
N PRO C 54 4.08 -22.38 -5.90
CA PRO C 54 5.38 -22.81 -6.43
C PRO C 54 5.54 -24.29 -6.07
N SER C 55 5.11 -24.64 -4.86
CA SER C 55 5.16 -26.00 -4.36
C SER C 55 4.60 -27.03 -5.34
N ALA C 56 3.40 -26.77 -5.86
CA ALA C 56 2.74 -27.70 -6.77
C ALA C 56 2.88 -27.36 -8.26
N ASN C 57 3.83 -26.48 -8.60
CA ASN C 57 4.06 -26.10 -9.99
C ASN C 57 2.91 -25.32 -10.63
N ILE C 58 1.99 -24.84 -9.80
CA ILE C 58 0.86 -24.04 -10.28
C ILE C 58 1.38 -22.60 -10.36
N PRO C 59 1.53 -22.07 -11.60
CA PRO C 59 2.02 -20.71 -11.83
C PRO C 59 1.12 -19.58 -11.37
N GLU C 60 1.71 -18.40 -11.25
CA GLU C 60 0.99 -17.20 -10.85
C GLU C 60 0.05 -16.85 -12.01
N HIS C 61 -1.21 -16.59 -11.69
CA HIS C 61 -2.21 -16.27 -12.72
C HIS C 61 -3.24 -15.25 -12.26
N TRP C 62 -4.06 -14.78 -13.20
CA TRP C 62 -5.11 -13.83 -12.87
C TRP C 62 -6.38 -14.65 -12.75
N HIS C 63 -7.19 -14.34 -11.74
CA HIS C 63 -8.44 -15.06 -11.46
C HIS C 63 -9.62 -14.10 -11.61
N TYR C 64 -10.58 -14.45 -12.46
CA TYR C 64 -11.76 -13.61 -12.68
C TYR C 64 -13.03 -14.24 -12.14
N ILE C 65 -13.90 -13.43 -11.56
CA ILE C 65 -15.19 -13.91 -11.04
C ILE C 65 -16.29 -12.95 -11.52
N SER C 66 -17.39 -13.50 -12.00
CA SER C 66 -18.49 -12.67 -12.49
C SER C 66 -19.63 -12.49 -11.48
N PHE C 67 -20.43 -11.45 -11.70
CA PHE C 67 -21.57 -11.14 -10.86
C PHE C 67 -22.74 -10.76 -11.75
N GLY C 68 -23.78 -11.59 -11.74
CA GLY C 68 -24.94 -11.29 -12.55
C GLY C 68 -25.68 -12.51 -13.03
N LEU C 69 -24.97 -13.63 -13.15
CA LEU C 69 -25.60 -14.86 -13.58
C LEU C 69 -26.45 -15.43 -12.46
N SER C 70 -26.06 -15.13 -11.21
CA SER C 70 -26.81 -15.56 -10.03
C SER C 70 -27.69 -14.39 -9.62
N ASP C 71 -28.57 -14.61 -8.64
CA ASP C 71 -29.47 -13.54 -8.16
C ASP C 71 -28.79 -12.69 -7.11
N LEU C 72 -28.31 -11.52 -7.54
CA LEU C 72 -27.61 -10.63 -6.63
C LEU C 72 -28.53 -9.83 -5.72
N TYR C 73 -29.65 -9.35 -6.25
CA TYR C 73 -30.53 -8.49 -5.48
C TYR C 73 -31.81 -9.08 -4.92
N GLY C 74 -32.23 -10.22 -5.48
CA GLY C 74 -33.42 -10.90 -5.02
C GLY C 74 -34.73 -10.12 -5.11
N ASP C 75 -34.76 -9.03 -5.87
CA ASP C 75 -35.96 -8.23 -6.02
C ASP C 75 -36.54 -8.33 -7.43
N ASN C 76 -36.32 -9.48 -8.07
CA ASN C 76 -36.84 -9.74 -9.41
C ASN C 76 -36.48 -8.71 -10.52
N ARG C 77 -35.38 -7.98 -10.34
CA ARG C 77 -35.01 -7.02 -11.37
C ARG C 77 -34.30 -7.70 -12.54
N VAL C 78 -33.76 -8.89 -12.32
CA VAL C 78 -33.06 -9.60 -13.38
C VAL C 78 -33.48 -11.07 -13.41
N HIS C 79 -33.46 -11.69 -12.25
CA HIS C 79 -33.83 -13.08 -12.12
C HIS C 79 -35.03 -13.17 -11.24
N GLU C 80 -35.73 -14.29 -11.31
CA GLU C 80 -36.90 -14.47 -10.49
C GLU C 80 -36.54 -15.09 -9.17
N PHE C 81 -37.00 -14.48 -8.09
CA PHE C 81 -36.69 -15.03 -6.79
C PHE C 81 -37.36 -16.39 -6.64
N THR C 82 -36.55 -17.38 -6.27
CA THR C 82 -37.01 -18.78 -6.11
C THR C 82 -36.63 -19.51 -4.82
N GLY C 83 -36.68 -18.77 -3.73
CA GLY C 83 -36.38 -19.28 -2.42
C GLY C 83 -34.91 -19.48 -2.18
N THR C 84 -34.57 -19.92 -0.97
CA THR C 84 -33.17 -20.13 -0.63
C THR C 84 -32.66 -21.55 -0.90
N ASP C 85 -33.54 -22.41 -1.36
CA ASP C 85 -33.14 -23.77 -1.64
C ASP C 85 -32.57 -23.91 -3.04
N GLY C 86 -33.44 -23.86 -4.03
CA GLY C 86 -33.01 -23.98 -5.41
C GLY C 86 -31.81 -23.10 -5.76
N PRO C 87 -31.45 -23.00 -7.04
CA PRO C 87 -30.32 -22.16 -7.41
C PRO C 87 -30.65 -20.67 -7.44
N SER C 88 -29.65 -19.85 -7.12
CA SER C 88 -29.81 -18.41 -7.15
C SER C 88 -29.70 -18.03 -8.63
N GLY C 89 -30.75 -17.47 -9.20
CA GLY C 89 -30.68 -17.11 -10.61
C GLY C 89 -30.35 -18.36 -11.41
N PHE C 90 -29.38 -18.27 -12.32
CA PHE C 90 -29.00 -19.44 -13.12
C PHE C 90 -28.24 -20.46 -12.29
N GLY C 91 -27.96 -20.13 -11.04
CA GLY C 91 -27.27 -21.07 -10.16
C GLY C 91 -25.76 -21.01 -10.09
N PHE C 92 -25.15 -20.18 -10.91
CA PHE C 92 -23.70 -20.09 -10.90
C PHE C 92 -23.22 -18.74 -11.41
N GLU C 93 -21.90 -18.56 -11.33
CA GLU C 93 -21.22 -17.39 -11.83
C GLU C 93 -20.00 -17.97 -12.56
N LEU C 94 -19.50 -17.23 -13.54
CA LEU C 94 -18.36 -17.71 -14.30
C LEU C 94 -17.05 -17.25 -13.67
N THR C 95 -16.03 -18.08 -13.82
CA THR C 95 -14.70 -17.72 -13.34
C THR C 95 -13.71 -18.08 -14.46
N PHE C 96 -12.49 -17.59 -14.38
CA PHE C 96 -11.50 -17.86 -15.40
C PHE C 96 -10.12 -17.63 -14.82
N ARG C 97 -9.16 -18.44 -15.24
CA ARG C 97 -7.79 -18.29 -14.75
C ARG C 97 -6.84 -18.09 -15.93
N LEU C 98 -6.26 -16.90 -15.99
CA LEU C 98 -5.35 -16.53 -17.06
C LEU C 98 -3.91 -16.49 -16.60
N LYS C 99 -3.06 -17.29 -17.24
CA LYS C 99 -1.64 -17.32 -16.88
C LYS C 99 -1.05 -15.93 -16.95
N ARG C 100 -0.35 -15.54 -15.90
CA ARG C 100 0.25 -14.24 -15.88
C ARG C 100 1.53 -14.18 -16.71
N GLU C 101 1.66 -13.16 -17.54
CA GLU C 101 2.85 -12.98 -18.37
C GLU C 101 3.74 -11.98 -17.62
N THR C 102 5.04 -12.28 -17.54
CA THR C 102 5.99 -11.41 -16.85
C THR C 102 5.86 -9.92 -17.21
N GLY C 103 5.92 -9.08 -16.18
CA GLY C 103 5.81 -7.65 -16.39
C GLY C 103 4.40 -7.13 -16.24
N GLU C 104 3.40 -8.02 -16.26
CA GLU C 104 2.01 -7.57 -16.11
C GLU C 104 1.78 -7.07 -14.69
N SER C 105 1.47 -5.77 -14.59
CA SER C 105 1.25 -5.14 -13.29
C SER C 105 -0.17 -5.34 -12.80
N ALA C 106 -1.11 -5.48 -13.74
CA ALA C 106 -2.51 -5.68 -13.40
C ALA C 106 -3.08 -6.75 -14.31
N PRO C 107 -4.22 -7.33 -13.92
CA PRO C 107 -4.81 -8.36 -14.78
C PRO C 107 -5.38 -7.75 -16.06
N PRO C 108 -5.16 -8.39 -17.21
CA PRO C 108 -5.73 -7.80 -18.42
C PRO C 108 -7.29 -7.84 -18.34
N THR C 109 -7.93 -6.87 -18.96
CA THR C 109 -9.38 -6.80 -18.86
C THR C 109 -10.24 -7.50 -19.91
N TRP C 110 -9.63 -8.04 -20.96
CA TRP C 110 -10.44 -8.69 -22.00
C TRP C 110 -11.30 -9.87 -21.51
N PRO C 111 -10.85 -10.61 -20.48
CA PRO C 111 -11.70 -11.71 -20.04
C PRO C 111 -13.12 -11.30 -19.61
N ALA C 112 -13.30 -10.07 -19.13
CA ALA C 112 -14.62 -9.62 -18.71
C ALA C 112 -15.51 -9.72 -19.94
N GLU C 113 -14.94 -9.35 -21.08
CA GLU C 113 -15.65 -9.41 -22.33
C GLU C 113 -16.08 -10.78 -22.76
N LEU C 114 -15.14 -11.70 -22.68
CA LEU C 114 -15.43 -13.06 -23.01
C LEU C 114 -16.60 -13.48 -22.12
N MET C 115 -16.52 -13.19 -20.83
CA MET C 115 -17.59 -13.55 -19.90
C MET C 115 -18.95 -12.97 -20.25
N GLN C 116 -18.97 -11.68 -20.61
CA GLN C 116 -20.22 -11.04 -21.01
C GLN C 116 -20.83 -11.80 -22.21
N GLY C 117 -19.98 -12.20 -23.14
CA GLY C 117 -20.45 -12.93 -24.30
C GLY C 117 -21.10 -14.22 -23.85
N LEU C 118 -20.42 -14.96 -22.98
CA LEU C 118 -20.96 -16.21 -22.50
C LEU C 118 -22.23 -16.01 -21.74
N ALA C 119 -22.24 -15.04 -20.84
CA ALA C 119 -23.41 -14.76 -20.03
C ALA C 119 -24.54 -14.42 -20.98
N ARG C 120 -24.18 -13.71 -22.04
CA ARG C 120 -25.15 -13.31 -23.04
C ARG C 120 -25.72 -14.57 -23.69
N TYR C 121 -24.83 -15.52 -23.95
CA TYR C 121 -25.20 -16.78 -24.55
C TYR C 121 -26.05 -17.60 -23.58
N VAL C 122 -25.66 -17.62 -22.30
CA VAL C 122 -26.41 -18.36 -21.28
C VAL C 122 -27.83 -17.81 -21.10
N PHE C 123 -27.96 -16.50 -21.01
CA PHE C 123 -29.26 -15.87 -20.86
C PHE C 123 -30.20 -16.21 -22.02
N GLN C 124 -29.61 -16.40 -23.21
CA GLN C 124 -30.37 -16.67 -24.42
C GLN C 124 -30.67 -18.12 -24.72
N SER C 125 -29.78 -19.02 -24.34
CA SER C 125 -29.97 -20.44 -24.60
C SER C 125 -31.18 -21.08 -23.91
N GLU C 126 -31.62 -22.20 -24.48
CA GLU C 126 -32.75 -22.96 -23.95
C GLU C 126 -32.18 -24.13 -23.18
N ASN C 127 -30.86 -24.16 -23.04
CA ASN C 127 -30.17 -25.24 -22.32
C ASN C 127 -29.36 -24.75 -21.12
N THR C 128 -29.12 -25.64 -20.17
CA THR C 128 -28.35 -25.27 -18.99
C THR C 128 -26.87 -25.63 -19.17
N PHE C 129 -26.02 -24.85 -18.51
CA PHE C 129 -24.56 -25.04 -18.55
C PHE C 129 -24.04 -25.75 -17.31
N CYS C 130 -23.13 -26.68 -17.52
CA CYS C 130 -22.62 -27.48 -16.42
C CYS C 130 -21.18 -27.87 -16.60
N SER C 131 -20.60 -28.37 -15.53
CA SER C 131 -19.24 -28.83 -15.56
C SER C 131 -19.20 -29.90 -16.66
N GLY C 132 -18.18 -29.83 -17.49
CA GLY C 132 -18.04 -30.81 -18.57
C GLY C 132 -18.55 -30.32 -19.92
N ASP C 133 -19.34 -29.26 -19.92
CA ASP C 133 -19.87 -28.76 -21.17
C ASP C 133 -18.75 -28.12 -21.98
N HIS C 134 -18.95 -28.06 -23.29
CA HIS C 134 -17.98 -27.41 -24.17
C HIS C 134 -18.73 -26.32 -24.92
N VAL C 135 -18.02 -25.26 -25.28
CA VAL C 135 -18.64 -24.19 -26.03
C VAL C 135 -17.74 -23.97 -27.24
N SER C 136 -18.32 -24.10 -28.43
CA SER C 136 -17.55 -23.91 -29.65
C SER C 136 -17.44 -22.43 -30.01
N TRP C 137 -16.72 -21.67 -29.19
CA TRP C 137 -16.57 -20.25 -29.42
C TRP C 137 -16.16 -19.95 -30.86
N HIS C 138 -15.24 -20.76 -31.37
CA HIS C 138 -14.80 -20.62 -32.75
C HIS C 138 -14.05 -19.31 -33.04
N SER C 139 -13.26 -18.86 -32.08
CA SER C 139 -12.52 -17.63 -32.24
C SER C 139 -11.51 -17.45 -31.12
N PRO C 140 -10.30 -16.99 -31.45
CA PRO C 140 -9.35 -16.81 -30.35
C PRO C 140 -10.05 -15.98 -29.27
N LEU C 141 -10.13 -16.56 -28.07
CA LEU C 141 -10.82 -15.94 -26.95
C LEU C 141 -10.47 -14.50 -26.65
N ASP C 142 -9.22 -14.10 -26.90
CA ASP C 142 -8.80 -12.73 -26.64
C ASP C 142 -8.63 -11.91 -27.91
N ASN C 143 -9.26 -12.35 -28.99
CA ASN C 143 -9.16 -11.67 -30.28
C ASN C 143 -7.73 -11.49 -30.78
N SER C 144 -6.84 -12.38 -30.37
CA SER C 144 -5.46 -12.33 -30.82
C SER C 144 -5.33 -13.39 -31.92
N GLU C 145 -4.18 -14.02 -32.01
CA GLU C 145 -3.96 -15.06 -33.01
C GLU C 145 -3.95 -16.41 -32.32
N SER C 146 -4.09 -16.39 -31.01
CA SER C 146 -4.05 -17.59 -30.20
C SER C 146 -4.74 -18.82 -30.77
N ARG C 147 -4.20 -19.98 -30.43
CA ARG C 147 -4.75 -21.24 -30.86
C ARG C 147 -5.88 -21.64 -29.92
N ILE C 148 -6.01 -20.93 -28.80
CA ILE C 148 -7.06 -21.20 -27.83
C ILE C 148 -8.29 -20.50 -28.36
N GLN C 149 -9.19 -21.26 -28.97
CA GLN C 149 -10.38 -20.68 -29.59
C GLN C 149 -11.71 -21.26 -29.12
N HIS C 150 -11.67 -22.13 -28.11
CA HIS C 150 -12.90 -22.73 -27.62
C HIS C 150 -12.84 -22.86 -26.11
N MET C 151 -13.94 -23.31 -25.52
CA MET C 151 -13.97 -23.44 -24.08
C MET C 151 -14.62 -24.71 -23.56
N LEU C 152 -14.12 -25.13 -22.40
CA LEU C 152 -14.66 -26.26 -21.68
C LEU C 152 -15.00 -25.64 -20.31
N LEU C 153 -16.01 -26.17 -19.65
CA LEU C 153 -16.40 -25.64 -18.36
C LEU C 153 -16.16 -26.71 -17.28
N THR C 154 -15.63 -26.29 -16.15
CA THR C 154 -15.36 -27.21 -15.04
C THR C 154 -15.66 -26.45 -13.77
N GLU C 155 -15.78 -27.13 -12.63
CA GLU C 155 -16.04 -26.36 -11.42
C GLU C 155 -14.72 -25.73 -11.00
N ASP C 156 -14.79 -24.52 -10.46
CA ASP C 156 -13.61 -23.78 -10.02
C ASP C 156 -12.90 -24.58 -8.95
N PRO C 157 -11.58 -24.76 -9.10
CA PRO C 157 -10.81 -25.54 -8.12
C PRO C 157 -10.77 -24.99 -6.69
N GLN C 158 -11.04 -23.69 -6.51
CA GLN C 158 -10.98 -23.09 -5.18
C GLN C 158 -12.29 -22.47 -4.71
N MET C 159 -12.94 -21.69 -5.59
CA MET C 159 -14.20 -21.05 -5.23
C MET C 159 -15.20 -22.16 -4.92
N GLN C 160 -15.74 -22.13 -3.71
CA GLN C 160 -16.70 -23.14 -3.32
C GLN C 160 -18.12 -22.65 -3.31
N PRO C 161 -19.08 -23.55 -3.58
CA PRO C 161 -20.48 -23.13 -3.59
C PRO C 161 -20.84 -22.39 -2.33
N VAL C 162 -21.62 -21.34 -2.51
CA VAL C 162 -22.05 -20.48 -1.43
C VAL C 162 -23.55 -20.45 -1.25
N GLN C 163 -23.96 -20.34 0.01
CA GLN C 163 -25.37 -20.26 0.34
C GLN C 163 -25.74 -18.80 0.33
N THR C 164 -26.92 -18.52 -0.17
CA THR C 164 -27.39 -17.16 -0.27
C THR C 164 -28.85 -17.09 0.13
N PRO C 165 -29.28 -15.93 0.62
CA PRO C 165 -30.70 -15.88 0.99
C PRO C 165 -31.57 -16.01 -0.25
N PHE C 166 -30.94 -16.01 -1.42
CA PHE C 166 -31.69 -16.11 -2.67
C PHE C 166 -31.42 -17.41 -3.41
N GLY C 167 -30.69 -18.32 -2.78
CA GLY C 167 -30.39 -19.59 -3.43
C GLY C 167 -28.91 -19.97 -3.41
N VAL C 168 -28.60 -21.16 -3.94
CA VAL C 168 -27.23 -21.67 -3.96
C VAL C 168 -26.51 -21.20 -5.20
N VAL C 169 -25.23 -20.85 -5.05
CA VAL C 169 -24.42 -20.38 -6.18
C VAL C 169 -23.13 -21.18 -6.34
N THR C 170 -22.94 -21.83 -7.49
CA THR C 170 -21.69 -22.56 -7.69
C THR C 170 -20.80 -21.73 -8.60
N PHE C 171 -19.59 -22.19 -8.86
CA PHE C 171 -18.71 -21.43 -9.73
C PHE C 171 -18.15 -22.28 -10.86
N LEU C 172 -18.50 -21.87 -12.09
CA LEU C 172 -18.06 -22.57 -13.29
C LEU C 172 -16.86 -21.87 -13.88
N GLN C 173 -15.75 -22.58 -13.94
CA GLN C 173 -14.55 -21.99 -14.50
C GLN C 173 -14.41 -22.31 -15.99
N ILE C 174 -14.08 -21.29 -16.76
CA ILE C 174 -13.87 -21.42 -18.19
C ILE C 174 -12.44 -21.92 -18.34
N VAL C 175 -12.24 -22.83 -19.29
CA VAL C 175 -10.91 -23.35 -19.58
C VAL C 175 -10.74 -23.25 -21.09
N GLY C 176 -9.80 -22.45 -21.54
CA GLY C 176 -9.61 -22.35 -22.99
C GLY C 176 -8.98 -23.61 -23.54
N VAL C 177 -9.30 -23.98 -24.78
CA VAL C 177 -8.75 -25.20 -25.39
C VAL C 177 -8.59 -25.04 -26.92
N CYS C 178 -7.82 -25.92 -27.55
CA CYS C 178 -7.62 -25.89 -29.00
C CYS C 178 -8.76 -26.63 -29.66
N THR C 179 -8.99 -26.34 -30.95
CA THR C 179 -10.07 -27.00 -31.69
C THR C 179 -9.90 -28.53 -31.62
N GLU C 180 -8.66 -29.02 -31.73
CA GLU C 180 -8.43 -30.46 -31.67
C GLU C 180 -8.90 -31.02 -30.34
N GLU C 181 -8.73 -30.21 -29.29
CA GLU C 181 -9.14 -30.62 -27.95
C GLU C 181 -10.66 -30.54 -27.80
N LEU C 182 -11.27 -29.58 -28.46
CA LEU C 182 -12.73 -29.45 -28.42
C LEU C 182 -13.34 -30.68 -29.11
N HIS C 183 -12.82 -31.01 -30.30
CA HIS C 183 -13.31 -32.17 -31.03
C HIS C 183 -13.16 -33.42 -30.18
N SER C 184 -12.01 -33.53 -29.52
CA SER C 184 -11.74 -34.67 -28.66
C SER C 184 -12.82 -34.79 -27.59
N ALA C 185 -13.23 -33.65 -27.05
CA ALA C 185 -14.26 -33.62 -26.03
C ALA C 185 -15.62 -34.04 -26.60
N GLN C 186 -15.84 -33.74 -27.88
CA GLN C 186 -17.11 -34.10 -28.52
C GLN C 186 -17.15 -35.60 -28.82
N GLN C 187 -16.03 -36.15 -29.26
CA GLN C 187 -15.95 -37.58 -29.56
C GLN C 187 -16.11 -38.41 -28.29
N TRP C 188 -15.44 -37.97 -27.22
CA TRP C 188 -15.48 -38.65 -25.94
C TRP C 188 -16.42 -37.87 -25.01
N ASN C 189 -15.87 -37.15 -24.03
CA ASN C 189 -16.68 -36.31 -23.14
C ASN C 189 -15.83 -35.25 -22.44
N GLY C 190 -16.46 -34.14 -22.07
CA GLY C 190 -15.76 -33.05 -21.44
C GLY C 190 -14.89 -33.43 -20.24
N GLN C 191 -15.50 -34.13 -19.28
CA GLN C 191 -14.77 -34.53 -18.07
C GLN C 191 -13.46 -35.22 -18.41
N GLY C 192 -13.47 -36.02 -19.48
CA GLY C 192 -12.27 -36.74 -19.87
C GLY C 192 -11.14 -35.82 -20.30
N ILE C 193 -11.47 -34.89 -21.20
CA ILE C 193 -10.47 -33.96 -21.69
C ILE C 193 -10.00 -33.08 -20.54
N LEU C 194 -10.91 -32.77 -19.63
CA LEU C 194 -10.55 -31.95 -18.47
C LEU C 194 -9.51 -32.70 -17.63
N GLU C 195 -9.72 -34.00 -17.42
CA GLU C 195 -8.79 -34.82 -16.66
C GLU C 195 -7.43 -34.72 -17.32
N LEU C 196 -7.39 -34.99 -18.62
CA LEU C 196 -6.13 -34.94 -19.35
C LEU C 196 -5.45 -33.58 -19.18
N LEU C 197 -6.21 -32.51 -19.39
CA LEU C 197 -5.67 -31.16 -19.27
C LEU C 197 -5.02 -30.92 -17.92
N ARG C 198 -5.53 -31.58 -16.88
CA ARG C 198 -4.95 -31.41 -15.56
C ARG C 198 -3.55 -32.03 -15.46
N THR C 199 -3.33 -33.11 -16.24
CA THR C 199 -2.05 -33.82 -16.23
C THR C 199 -0.99 -33.14 -17.06
N VAL C 200 -1.36 -32.10 -17.78
CA VAL C 200 -0.40 -31.37 -18.62
C VAL C 200 -0.34 -29.92 -18.16
N PRO C 201 0.51 -29.62 -17.15
CA PRO C 201 0.68 -28.28 -16.59
C PRO C 201 0.59 -27.11 -17.53
N ILE C 202 1.35 -27.12 -18.60
CA ILE C 202 1.32 -25.98 -19.52
C ILE C 202 -0.02 -25.77 -20.22
N ALA C 203 -0.85 -26.80 -20.22
CA ALA C 203 -2.15 -26.72 -20.87
C ALA C 203 -3.28 -26.49 -19.87
N GLY C 204 -2.96 -26.52 -18.58
CA GLY C 204 -3.97 -26.31 -17.57
C GLY C 204 -3.48 -26.61 -16.18
N GLY C 205 -2.94 -27.81 -15.99
CA GLY C 205 -2.46 -28.19 -14.67
C GLY C 205 -3.61 -28.48 -13.74
N PRO C 206 -3.33 -28.77 -12.46
CA PRO C 206 -4.35 -29.08 -11.45
C PRO C 206 -5.49 -28.08 -11.38
N TRP C 207 -5.18 -26.80 -11.52
CA TRP C 207 -6.20 -25.77 -11.43
C TRP C 207 -6.72 -25.30 -12.79
N LEU C 208 -6.32 -25.98 -13.85
CA LEU C 208 -6.78 -25.65 -15.19
C LEU C 208 -6.67 -24.16 -15.55
N ILE C 209 -5.44 -23.67 -15.53
CA ILE C 209 -5.14 -22.28 -15.88
C ILE C 209 -4.98 -22.22 -17.39
N THR C 210 -5.50 -21.16 -18.00
CA THR C 210 -5.42 -21.02 -19.44
C THR C 210 -4.22 -20.16 -19.85
N ASP C 211 -3.47 -20.62 -20.84
CA ASP C 211 -2.33 -19.88 -21.33
C ASP C 211 -2.65 -19.60 -22.79
N MET C 212 -3.07 -18.38 -23.09
CA MET C 212 -3.42 -18.00 -24.44
C MET C 212 -2.25 -18.11 -25.41
N ARG C 213 -1.04 -18.27 -24.89
CA ARG C 213 0.10 -18.35 -25.78
C ARG C 213 0.45 -19.79 -26.18
N ARG C 214 -0.12 -20.77 -25.50
CA ARG C 214 0.13 -22.18 -25.80
C ARG C 214 0.09 -22.41 -27.33
N GLY C 215 1.13 -23.05 -27.87
CA GLY C 215 1.14 -23.29 -29.30
C GLY C 215 0.84 -24.71 -29.69
N GLU C 216 0.81 -25.60 -28.70
CA GLU C 216 0.56 -27.01 -28.99
C GLU C 216 -0.61 -27.64 -28.27
N THR C 217 -1.23 -28.60 -28.94
CA THR C 217 -2.35 -29.31 -28.36
C THR C 217 -1.74 -30.28 -27.34
N ILE C 218 -2.54 -30.79 -26.43
CA ILE C 218 -2.03 -31.72 -25.44
C ILE C 218 -1.54 -32.97 -26.15
N PHE C 219 -2.17 -33.27 -27.28
CA PHE C 219 -1.81 -34.45 -28.04
C PHE C 219 -0.46 -34.30 -28.75
N GLU C 220 -0.16 -33.09 -29.20
CA GLU C 220 1.11 -32.85 -29.88
C GLU C 220 2.22 -32.87 -28.82
N ILE C 221 1.88 -32.53 -27.58
CA ILE C 221 2.80 -32.50 -26.50
C ILE C 221 3.15 -33.90 -26.04
N ASP C 222 2.14 -34.78 -25.96
CA ASP C 222 2.39 -36.14 -25.55
C ASP C 222 1.36 -36.96 -26.30
N PRO C 223 1.71 -37.40 -27.52
CA PRO C 223 0.87 -38.20 -28.42
C PRO C 223 0.22 -39.44 -27.82
N HIS C 224 0.61 -39.75 -26.61
CA HIS C 224 0.07 -40.91 -25.94
C HIS C 224 -1.28 -40.70 -25.33
N LEU C 225 -1.62 -39.44 -25.06
CA LEU C 225 -2.90 -39.16 -24.44
C LEU C 225 -4.01 -39.63 -25.36
N GLN C 226 -3.71 -39.66 -26.66
CA GLN C 226 -4.70 -40.10 -27.64
C GLN C 226 -5.21 -41.48 -27.27
N GLU C 227 -4.30 -42.34 -26.80
CA GLU C 227 -4.65 -43.69 -26.41
C GLU C 227 -5.76 -43.61 -25.36
N ARG C 228 -5.57 -42.76 -24.36
CA ARG C 228 -6.56 -42.65 -23.30
C ARG C 228 -7.90 -42.14 -23.85
N VAL C 229 -7.83 -41.21 -24.81
CA VAL C 229 -9.06 -40.70 -25.40
C VAL C 229 -9.72 -41.88 -26.11
N ASP C 230 -8.94 -42.56 -26.96
CA ASP C 230 -9.44 -43.73 -27.68
C ASP C 230 -10.04 -44.79 -26.76
N LYS C 231 -9.24 -45.31 -25.84
CA LYS C 231 -9.73 -46.30 -24.90
C LYS C 231 -10.98 -45.73 -24.25
N GLY C 232 -10.95 -44.44 -23.94
CA GLY C 232 -12.07 -43.78 -23.31
C GLY C 232 -13.34 -43.96 -24.12
N ILE C 233 -13.27 -43.57 -25.39
CA ILE C 233 -14.41 -43.68 -26.29
C ILE C 233 -14.85 -45.13 -26.37
N GLU C 234 -13.87 -46.01 -26.56
CA GLU C 234 -14.11 -47.44 -26.64
C GLU C 234 -14.89 -47.92 -25.42
N THR C 235 -14.22 -47.95 -24.28
CA THR C 235 -14.84 -48.38 -23.03
C THR C 235 -15.73 -47.26 -22.52
N ASP C 236 -16.77 -46.96 -23.27
CA ASP C 236 -17.68 -45.88 -22.87
C ASP C 236 -18.91 -45.83 -23.78
N LEU D 3 29.05 9.92 -2.64
CA LEU D 3 28.69 8.48 -2.71
C LEU D 3 28.09 7.95 -1.40
N PHE D 4 26.99 7.22 -1.52
CA PHE D 4 26.30 6.65 -0.35
C PHE D 4 27.26 5.65 0.30
N PRO D 5 27.43 5.76 1.64
CA PRO D 5 28.32 4.87 2.39
C PRO D 5 28.35 3.42 1.92
N PRO D 6 29.43 3.00 1.25
CA PRO D 6 29.61 1.65 0.74
C PRO D 6 29.25 0.56 1.76
N GLY D 7 29.67 0.75 3.01
CA GLY D 7 29.35 -0.21 4.05
C GLY D 7 27.85 -0.42 4.23
N LEU D 8 27.10 0.68 4.24
CA LEU D 8 25.65 0.61 4.39
C LEU D 8 25.05 -0.05 3.16
N HIS D 9 25.53 0.38 2.01
CA HIS D 9 25.06 -0.13 0.73
C HIS D 9 25.11 -1.65 0.65
N ALA D 10 26.26 -2.21 1.01
CA ALA D 10 26.43 -3.65 0.94
C ALA D 10 25.42 -4.39 1.82
N ILE D 11 25.23 -3.92 3.05
CA ILE D 11 24.29 -4.58 3.94
C ILE D 11 22.87 -4.41 3.41
N TYR D 12 22.53 -3.19 3.00
CA TYR D 12 21.19 -2.94 2.48
C TYR D 12 20.95 -3.90 1.33
N GLY D 13 22.01 -4.18 0.59
CA GLY D 13 21.92 -5.09 -0.54
C GLY D 13 21.41 -6.44 -0.09
N GLU D 14 22.06 -7.02 0.92
CA GLU D 14 21.67 -8.33 1.45
C GLU D 14 20.21 -8.29 1.90
N CYS D 15 19.84 -7.25 2.65
CA CYS D 15 18.49 -7.13 3.16
C CYS D 15 17.46 -7.20 2.04
N ARG D 16 17.80 -6.63 0.91
CA ARG D 16 16.87 -6.63 -0.20
C ARG D 16 16.71 -7.95 -0.91
N ARG D 17 17.81 -8.68 -0.99
CA ARG D 17 17.78 -9.99 -1.60
C ARG D 17 16.78 -10.81 -0.78
N LEU D 18 16.75 -10.59 0.53
CA LEU D 18 15.84 -11.31 1.40
C LEU D 18 14.44 -10.78 1.43
N TYR D 19 14.30 -9.46 1.36
CA TYR D 19 12.98 -8.87 1.43
C TYR D 19 12.70 -7.94 0.28
N PRO D 20 12.70 -8.48 -0.94
CA PRO D 20 12.45 -7.68 -2.14
C PRO D 20 11.16 -6.86 -2.06
N ASP D 21 10.19 -7.28 -1.25
CA ASP D 21 8.95 -6.51 -1.18
C ASP D 21 8.82 -5.55 0.00
N GLN D 22 9.91 -5.32 0.72
CA GLN D 22 9.91 -4.41 1.86
C GLN D 22 11.03 -3.36 1.71
N PRO D 23 10.98 -2.56 0.65
CA PRO D 23 12.00 -1.54 0.40
C PRO D 23 11.98 -0.39 1.38
N ASN D 24 10.91 -0.29 2.14
CA ASN D 24 10.77 0.79 3.07
C ASN D 24 10.36 0.34 4.47
N PRO D 25 11.15 -0.55 5.07
CA PRO D 25 10.86 -1.08 6.40
C PRO D 25 11.02 -0.08 7.53
N LEU D 26 10.49 -0.45 8.68
CA LEU D 26 10.63 0.39 9.86
C LEU D 26 12.12 0.37 10.20
N GLN D 27 12.69 1.55 10.38
CA GLN D 27 14.09 1.64 10.74
C GLN D 27 14.28 2.63 11.86
N VAL D 28 14.93 2.16 12.90
CA VAL D 28 15.23 2.93 14.09
C VAL D 28 16.65 3.50 14.01
N THR D 29 16.86 4.70 14.54
CA THR D 29 18.18 5.30 14.51
C THR D 29 18.52 6.03 15.82
N ALA D 30 19.82 6.25 16.04
CA ALA D 30 20.25 7.00 17.22
C ALA D 30 20.07 8.46 16.84
N ILE D 31 19.34 9.19 17.65
CA ILE D 31 19.08 10.59 17.35
C ILE D 31 20.40 11.39 17.28
N VAL D 32 21.33 11.06 18.16
CA VAL D 32 22.63 11.69 18.15
C VAL D 32 23.56 10.51 17.91
N LYS D 33 24.12 10.43 16.72
CA LYS D 33 25.00 9.32 16.39
C LYS D 33 26.18 9.21 17.32
N TYR D 34 26.68 7.99 17.48
CA TYR D 34 27.83 7.70 18.33
C TYR D 34 29.01 8.58 17.97
N TRP D 35 29.31 8.65 16.68
CA TRP D 35 30.45 9.44 16.23
C TRP D 35 30.24 10.95 16.32
N LEU D 36 29.21 11.36 17.04
CA LEU D 36 28.93 12.78 17.26
C LEU D 36 28.82 13.00 18.76
N GLY D 37 29.12 11.96 19.55
CA GLY D 37 29.04 12.08 20.99
C GLY D 37 27.92 11.30 21.63
N GLY D 38 27.07 10.68 20.80
CA GLY D 38 25.95 9.92 21.33
C GLY D 38 26.36 8.66 22.07
N PRO D 39 25.49 8.13 22.94
CA PRO D 39 25.74 6.92 23.73
C PRO D 39 25.51 5.58 23.02
N ASP D 40 24.76 5.57 21.93
CA ASP D 40 24.47 4.31 21.24
C ASP D 40 25.35 4.07 20.03
N PRO D 41 26.17 3.03 20.09
CA PRO D 41 27.04 2.73 18.97
C PRO D 41 26.39 2.32 17.65
N LEU D 42 25.15 1.85 17.66
CA LEU D 42 24.54 1.47 16.40
C LEU D 42 23.82 2.67 15.78
N ASP D 43 24.15 2.99 14.53
CA ASP D 43 23.52 4.11 13.84
C ASP D 43 22.08 3.80 13.42
N TYR D 44 21.82 2.55 13.06
CA TYR D 44 20.50 2.13 12.61
C TYR D 44 20.22 0.66 12.93
N VAL D 45 18.94 0.34 13.00
CA VAL D 45 18.47 -1.02 13.21
C VAL D 45 17.24 -1.17 12.32
N SER D 46 17.36 -1.93 11.26
CA SER D 46 16.22 -2.15 10.37
C SER D 46 15.41 -3.30 10.96
N MET D 47 14.10 -3.24 10.78
CA MET D 47 13.19 -4.26 11.29
C MET D 47 12.25 -4.77 10.21
N TYR D 48 12.45 -6.00 9.78
CA TYR D 48 11.62 -6.59 8.73
C TYR D 48 10.61 -7.62 9.20
N ARG D 49 9.63 -7.90 8.34
CA ARG D 49 8.62 -8.92 8.66
C ARG D 49 9.01 -10.14 7.86
N ASN D 50 9.25 -11.25 8.55
CA ASN D 50 9.63 -12.49 7.88
C ASN D 50 8.45 -13.45 7.98
N VAL D 51 7.85 -13.78 6.83
CA VAL D 51 6.70 -14.68 6.82
C VAL D 51 7.07 -16.09 7.25
N GLY D 52 8.36 -16.37 7.31
CA GLY D 52 8.80 -17.68 7.73
C GLY D 52 8.56 -18.71 6.66
N SER D 53 8.12 -19.89 7.07
CA SER D 53 7.84 -20.95 6.12
C SER D 53 6.82 -21.94 6.68
N PRO D 54 5.55 -21.82 6.24
CA PRO D 54 4.49 -22.71 6.72
C PRO D 54 4.91 -24.18 6.50
N SER D 55 5.59 -24.39 5.38
CA SER D 55 6.09 -25.71 5.00
C SER D 55 6.93 -26.40 6.07
N ALA D 56 8.02 -25.75 6.51
CA ALA D 56 8.91 -26.33 7.51
C ALA D 56 8.54 -25.98 8.94
N ASN D 57 7.36 -25.40 9.13
CA ASN D 57 6.90 -24.99 10.42
C ASN D 57 7.81 -23.95 11.09
N ILE D 58 8.29 -23.01 10.30
CA ILE D 58 9.10 -21.90 10.78
C ILE D 58 8.06 -20.81 10.78
N PRO D 59 7.65 -20.36 11.97
CA PRO D 59 6.65 -19.31 12.14
C PRO D 59 7.03 -17.91 11.68
N GLU D 60 6.01 -17.10 11.47
CA GLU D 60 6.18 -15.72 11.07
C GLU D 60 6.86 -15.00 12.23
N HIS D 61 7.90 -14.23 11.93
CA HIS D 61 8.66 -13.51 12.96
C HIS D 61 9.22 -12.17 12.52
N TRP D 62 9.73 -11.39 13.46
CA TRP D 62 10.33 -10.10 13.12
C TRP D 62 11.83 -10.31 13.06
N HIS D 63 12.46 -9.78 12.01
CA HIS D 63 13.91 -9.92 11.81
C HIS D 63 14.62 -8.57 11.96
N TYR D 64 15.61 -8.50 12.86
CA TYR D 64 16.34 -7.25 13.08
C TYR D 64 17.80 -7.31 12.62
N ILE D 65 18.27 -6.22 12.01
CA ILE D 65 19.65 -6.15 11.55
C ILE D 65 20.26 -4.82 11.99
N SER D 66 21.48 -4.88 12.51
CA SER D 66 22.15 -3.68 13.00
C SER D 66 23.13 -3.06 12.02
N PHE D 67 23.42 -1.79 12.24
CA PHE D 67 24.36 -1.03 11.42
C PHE D 67 25.25 -0.20 12.34
N GLY D 68 26.55 -0.53 12.38
CA GLY D 68 27.45 0.23 13.22
C GLY D 68 28.62 -0.59 13.72
N LEU D 69 28.41 -1.88 13.91
CA LEU D 69 29.48 -2.74 14.37
C LEU D 69 30.50 -2.94 13.26
N SER D 70 30.04 -2.86 12.00
CA SER D 70 30.93 -2.98 10.85
C SER D 70 31.29 -1.56 10.40
N ASP D 71 32.21 -1.45 9.45
CA ASP D 71 32.64 -0.12 8.98
C ASP D 71 31.70 0.36 7.91
N LEU D 72 30.78 1.24 8.27
CA LEU D 72 29.82 1.76 7.32
C LEU D 72 30.40 2.81 6.39
N TYR D 73 31.18 3.74 6.94
CA TYR D 73 31.71 4.86 6.16
C TYR D 73 33.13 4.78 5.63
N GLY D 74 33.97 3.95 6.26
CA GLY D 74 35.34 3.82 5.82
C GLY D 74 36.20 5.07 5.94
N ASP D 75 35.76 6.09 6.67
CA ASP D 75 36.54 7.32 6.81
C ASP D 75 37.08 7.49 8.25
N ASN D 76 37.33 6.36 8.92
CA ASN D 76 37.83 6.36 10.28
C ASN D 76 37.01 7.14 11.31
N ARG D 77 35.73 7.34 11.10
CA ARG D 77 34.97 8.12 12.05
C ARG D 77 34.53 7.24 13.26
N VAL D 78 34.54 5.93 13.08
CA VAL D 78 34.14 5.04 14.12
C VAL D 78 35.09 3.83 14.25
N HIS D 79 35.39 3.22 13.12
CA HIS D 79 36.31 2.12 13.06
C HIS D 79 37.49 2.53 12.21
N GLU D 80 38.58 1.80 12.36
CA GLU D 80 39.75 2.08 11.57
C GLU D 80 39.69 1.35 10.24
N PHE D 81 39.86 2.07 9.13
CA PHE D 81 39.87 1.40 7.84
C PHE D 81 41.06 0.43 7.76
N THR D 82 40.77 -0.82 7.41
CA THR D 82 41.76 -1.88 7.33
C THR D 82 41.72 -2.71 6.04
N GLY D 83 41.54 -2.05 4.91
CA GLY D 83 41.52 -2.76 3.64
C GLY D 83 40.23 -3.50 3.38
N THR D 84 40.11 -4.05 2.18
CA THR D 84 38.93 -4.79 1.77
C THR D 84 39.05 -6.26 2.10
N ASP D 85 40.19 -6.67 2.64
CA ASP D 85 40.36 -8.08 2.93
C ASP D 85 39.85 -8.50 4.28
N GLY D 86 40.50 -7.95 5.29
CA GLY D 86 40.16 -8.20 6.68
C GLY D 86 38.69 -7.93 6.99
N PRO D 87 38.34 -7.97 8.28
CA PRO D 87 36.94 -7.69 8.57
C PRO D 87 36.63 -6.20 8.55
N SER D 88 35.40 -5.86 8.21
CA SER D 88 34.96 -4.47 8.18
C SER D 88 34.63 -4.15 9.63
N GLY D 89 35.34 -3.18 10.21
CA GLY D 89 35.09 -2.84 11.59
C GLY D 89 35.24 -4.09 12.43
N PHE D 90 34.29 -4.37 13.32
CA PHE D 90 34.37 -5.56 14.13
C PHE D 90 34.13 -6.85 13.35
N GLY D 91 33.82 -6.71 12.07
CA GLY D 91 33.62 -7.88 11.24
C GLY D 91 32.21 -8.44 11.11
N PHE D 92 31.27 -7.88 11.87
CA PHE D 92 29.92 -8.37 11.82
C PHE D 92 28.90 -7.33 12.28
N GLU D 93 27.64 -7.71 12.14
CA GLU D 93 26.53 -6.89 12.59
C GLU D 93 25.62 -7.87 13.31
N LEU D 94 24.84 -7.37 14.25
CA LEU D 94 23.95 -8.24 15.00
C LEU D 94 22.58 -8.38 14.33
N THR D 95 21.97 -9.56 14.47
CA THR D 95 20.63 -9.79 13.95
C THR D 95 19.86 -10.49 15.05
N PHE D 96 18.54 -10.50 14.93
CA PHE D 96 17.69 -11.12 15.93
C PHE D 96 16.35 -11.49 15.28
N ARG D 97 15.80 -12.63 15.71
CA ARG D 97 14.50 -13.08 15.18
C ARG D 97 13.52 -13.25 16.33
N LEU D 98 12.50 -12.39 16.35
CA LEU D 98 11.49 -12.41 17.40
C LEU D 98 10.17 -12.97 16.88
N LYS D 99 9.66 -14.00 17.56
CA LYS D 99 8.40 -14.60 17.16
C LYS D 99 7.30 -13.54 17.17
N ARG D 100 6.54 -13.50 16.08
CA ARG D 100 5.47 -12.54 16.00
C ARG D 100 4.24 -12.99 16.77
N GLU D 101 3.70 -12.09 17.58
CA GLU D 101 2.50 -12.40 18.36
C GLU D 101 1.33 -11.85 17.55
N THR D 102 0.25 -12.62 17.41
CA THR D 102 -0.92 -12.17 16.63
C THR D 102 -1.33 -10.74 16.97
N GLY D 103 -1.58 -9.93 15.94
CA GLY D 103 -1.97 -8.57 16.21
C GLY D 103 -0.83 -7.56 16.27
N GLU D 104 0.41 -8.01 16.03
CA GLU D 104 1.51 -7.06 16.00
C GLU D 104 1.57 -6.56 14.56
N SER D 105 1.06 -5.35 14.37
CA SER D 105 1.03 -4.72 13.06
C SER D 105 2.44 -4.35 12.61
N ALA D 106 3.30 -4.07 13.57
CA ALA D 106 4.68 -3.69 13.26
C ALA D 106 5.58 -4.40 14.23
N PRO D 107 6.87 -4.50 13.90
CA PRO D 107 7.80 -5.18 14.81
C PRO D 107 8.04 -4.36 16.08
N PRO D 108 8.03 -5.02 17.25
CA PRO D 108 8.29 -4.21 18.45
C PRO D 108 9.71 -3.62 18.40
N THR D 109 9.90 -2.47 19.02
CA THR D 109 11.19 -1.82 18.95
C THR D 109 12.22 -2.09 20.05
N TRP D 110 11.85 -2.79 21.11
CA TRP D 110 12.82 -3.05 22.17
C TRP D 110 14.10 -3.79 21.74
N PRO D 111 14.02 -4.67 20.73
CA PRO D 111 15.25 -5.36 20.34
C PRO D 111 16.40 -4.43 19.92
N ALA D 112 16.08 -3.23 19.44
CA ALA D 112 17.13 -2.28 19.05
C ALA D 112 17.93 -1.93 20.30
N GLU D 113 17.20 -1.78 21.39
CA GLU D 113 17.81 -1.46 22.65
C GLU D 113 18.75 -2.56 23.12
N LEU D 114 18.26 -3.79 23.06
CA LEU D 114 19.05 -4.94 23.46
C LEU D 114 20.35 -4.88 22.63
N MET D 115 20.21 -4.66 21.32
CA MET D 115 21.37 -4.63 20.43
C MET D 115 22.35 -3.52 20.80
N GLN D 116 21.84 -2.34 21.14
CA GLN D 116 22.72 -1.23 21.52
C GLN D 116 23.55 -1.63 22.75
N GLY D 117 22.90 -2.33 23.68
CA GLY D 117 23.58 -2.80 24.87
C GLY D 117 24.70 -3.75 24.51
N LEU D 118 24.41 -4.70 23.62
CA LEU D 118 25.44 -5.64 23.23
C LEU D 118 26.57 -4.93 22.51
N ALA D 119 26.21 -4.04 21.60
CA ALA D 119 27.21 -3.32 20.83
C ALA D 119 28.08 -2.47 21.76
N ARG D 120 27.45 -1.85 22.74
CA ARG D 120 28.15 -1.00 23.71
C ARG D 120 29.17 -1.89 24.44
N TYR D 121 28.77 -3.13 24.63
CA TYR D 121 29.61 -4.10 25.29
C TYR D 121 30.78 -4.54 24.41
N VAL D 122 30.54 -4.69 23.12
CA VAL D 122 31.58 -5.09 22.19
C VAL D 122 32.63 -3.99 22.05
N PHE D 123 32.19 -2.74 22.05
CA PHE D 123 33.13 -1.64 21.92
C PHE D 123 34.03 -1.62 23.15
N GLN D 124 33.45 -1.60 24.35
CA GLN D 124 34.21 -1.61 25.59
C GLN D 124 35.04 -2.88 25.76
N SER D 125 34.87 -3.80 24.83
CA SER D 125 35.61 -5.05 24.81
C SER D 125 35.36 -6.16 25.81
N GLU D 126 35.75 -7.32 25.30
CA GLU D 126 35.75 -8.69 25.82
C GLU D 126 36.02 -9.12 24.38
N ASN D 127 35.77 -8.12 23.53
CA ASN D 127 35.93 -8.14 22.10
C ASN D 127 34.85 -8.76 21.27
N THR D 128 35.16 -8.95 20.00
CA THR D 128 34.23 -9.52 19.06
C THR D 128 33.66 -10.82 19.60
N PHE D 129 32.42 -11.05 19.24
CA PHE D 129 31.71 -12.23 19.60
C PHE D 129 31.88 -13.17 18.41
N CYS D 130 31.64 -14.45 18.64
CA CYS D 130 31.74 -15.44 17.58
C CYS D 130 30.59 -16.39 17.73
N SER D 131 30.28 -17.08 16.64
CA SER D 131 29.22 -18.08 16.65
C SER D 131 29.55 -19.02 17.81
N GLY D 132 28.55 -19.38 18.60
CA GLY D 132 28.78 -20.28 19.73
C GLY D 132 29.01 -19.59 21.06
N ASP D 133 29.30 -18.30 21.05
CA ASP D 133 29.52 -17.59 22.30
C ASP D 133 28.23 -17.44 23.06
N HIS D 134 28.34 -17.24 24.37
CA HIS D 134 27.15 -17.02 25.19
C HIS D 134 27.34 -15.71 25.92
N VAL D 135 26.25 -15.04 26.24
CA VAL D 135 26.34 -13.79 26.97
C VAL D 135 25.39 -13.89 28.15
N SER D 136 25.93 -13.83 29.36
CA SER D 136 25.11 -13.93 30.56
C SER D 136 24.42 -12.61 30.86
N TRP D 137 23.50 -12.22 29.98
CA TRP D 137 22.76 -10.98 30.15
C TRP D 137 22.23 -10.86 31.57
N HIS D 138 21.69 -11.96 32.08
CA HIS D 138 21.18 -11.99 33.45
C HIS D 138 19.97 -11.10 33.69
N SER D 139 19.07 -11.01 32.70
CA SER D 139 17.87 -10.17 32.84
C SER D 139 16.95 -10.44 31.68
N PRO D 140 15.63 -10.49 31.93
CA PRO D 140 14.74 -10.74 30.79
C PRO D 140 15.08 -9.74 29.68
N LEU D 141 15.45 -10.26 28.51
CA LEU D 141 15.85 -9.44 27.38
C LEU D 141 14.99 -8.24 27.04
N ASP D 142 13.67 -8.37 27.20
CA ASP D 142 12.75 -7.29 26.88
C ASP D 142 12.18 -6.58 28.11
N ASN D 143 12.89 -6.72 29.24
CA ASN D 143 12.46 -6.11 30.51
C ASN D 143 11.06 -6.52 30.96
N SER D 144 10.63 -7.71 30.55
CA SER D 144 9.34 -8.22 30.97
C SER D 144 9.62 -9.23 32.08
N GLU D 145 8.78 -10.25 32.19
CA GLU D 145 8.96 -11.27 33.22
C GLU D 145 9.51 -12.55 32.59
N SER D 146 9.66 -12.50 31.27
CA SER D 146 10.16 -13.64 30.51
C SER D 146 11.30 -14.46 31.12
N ARG D 147 11.27 -15.74 30.83
CA ARG D 147 12.28 -16.66 31.32
C ARG D 147 13.53 -16.59 30.41
N ILE D 148 13.40 -15.90 29.28
CA ILE D 148 14.50 -15.75 28.34
C ILE D 148 15.35 -14.62 28.88
N GLN D 149 16.46 -14.95 29.54
CA GLN D 149 17.30 -13.94 30.17
C GLN D 149 18.76 -13.96 29.78
N HIS D 150 19.11 -14.76 28.79
CA HIS D 150 20.49 -14.82 28.35
C HIS D 150 20.53 -15.00 26.86
N MET D 151 21.74 -14.95 26.31
CA MET D 151 21.91 -15.07 24.89
C MET D 151 23.02 -15.99 24.40
N LEU D 152 22.78 -16.60 23.25
CA LEU D 152 23.77 -17.43 22.58
C LEU D 152 23.84 -16.74 21.22
N LEU D 153 25.00 -16.84 20.57
CA LEU D 153 25.19 -16.23 19.27
C LEU D 153 25.48 -17.30 18.24
N THR D 154 24.86 -17.19 17.07
CA THR D 154 25.04 -18.17 16.01
C THR D 154 25.02 -17.38 14.71
N GLU D 155 25.48 -17.95 13.60
CA GLU D 155 25.43 -17.17 12.39
C GLU D 155 23.99 -17.13 11.91
N ASP D 156 23.59 -16.03 11.31
CA ASP D 156 22.23 -15.85 10.82
C ASP D 156 21.94 -16.90 9.76
N PRO D 157 20.81 -17.61 9.89
CA PRO D 157 20.45 -18.65 8.93
C PRO D 157 20.23 -18.17 7.48
N GLN D 158 19.97 -16.90 7.27
CA GLN D 158 19.72 -16.40 5.92
C GLN D 158 20.65 -15.30 5.45
N MET D 159 20.93 -14.33 6.32
CA MET D 159 21.82 -13.23 5.97
C MET D 159 23.19 -13.83 5.72
N GLN D 160 23.72 -13.63 4.52
CA GLN D 160 25.03 -14.17 4.20
C GLN D 160 26.14 -13.13 4.21
N PRO D 161 27.36 -13.56 4.57
CA PRO D 161 28.47 -12.61 4.61
C PRO D 161 28.57 -11.79 3.33
N VAL D 162 28.84 -10.51 3.50
CA VAL D 162 28.91 -9.60 2.39
C VAL D 162 30.28 -8.97 2.20
N GLN D 163 30.65 -8.76 0.95
CA GLN D 163 31.93 -8.12 0.64
C GLN D 163 31.68 -6.63 0.59
N THR D 164 32.62 -5.88 1.16
CA THR D 164 32.50 -4.45 1.22
C THR D 164 33.81 -3.81 0.85
N PRO D 165 33.77 -2.60 0.31
CA PRO D 165 35.04 -1.99 -0.03
C PRO D 165 35.84 -1.73 1.24
N PHE D 166 35.20 -1.92 2.40
CA PHE D 166 35.88 -1.69 3.67
C PHE D 166 36.12 -2.96 4.45
N GLY D 167 35.85 -4.10 3.81
CA GLY D 167 36.07 -5.36 4.51
C GLY D 167 34.90 -6.33 4.44
N VAL D 168 35.07 -7.50 5.02
CA VAL D 168 34.03 -8.52 5.03
C VAL D 168 33.12 -8.34 6.25
N VAL D 169 31.83 -8.58 6.04
CA VAL D 169 30.86 -8.44 7.12
C VAL D 169 30.01 -9.70 7.24
N THR D 170 30.02 -10.32 8.41
CA THR D 170 29.19 -11.49 8.64
C THR D 170 28.03 -11.07 9.55
N PHE D 171 27.06 -11.95 9.74
CA PHE D 171 25.92 -11.63 10.58
C PHE D 171 25.74 -12.61 11.73
N LEU D 172 25.84 -12.08 12.95
CA LEU D 172 25.69 -12.87 14.16
C LEU D 172 24.26 -12.70 14.70
N GLN D 173 23.52 -13.79 14.73
CA GLN D 173 22.17 -13.71 15.25
C GLN D 173 22.10 -14.02 16.72
N ILE D 174 21.34 -13.20 17.44
CA ILE D 174 21.16 -13.37 18.87
C ILE D 174 20.07 -14.41 19.07
N VAL D 175 20.25 -15.32 20.02
CA VAL D 175 19.24 -16.32 20.30
C VAL D 175 18.97 -16.28 21.80
N GLY D 176 17.75 -15.94 22.20
CA GLY D 176 17.47 -15.91 23.62
C GLY D 176 17.38 -17.30 24.20
N VAL D 177 17.81 -17.49 25.45
CA VAL D 177 17.76 -18.79 26.11
C VAL D 177 17.49 -18.65 27.60
N CYS D 178 17.15 -19.77 28.26
CA CYS D 178 16.89 -19.78 29.71
C CYS D 178 18.18 -19.98 30.46
N THR D 179 18.18 -19.64 31.75
CA THR D 179 19.41 -19.77 32.53
C THR D 179 19.91 -21.22 32.51
N GLU D 180 19.00 -22.19 32.65
CA GLU D 180 19.38 -23.60 32.62
C GLU D 180 20.08 -23.93 31.30
N GLU D 181 19.63 -23.29 30.22
CA GLU D 181 20.22 -23.52 28.90
C GLU D 181 21.59 -22.87 28.80
N LEU D 182 21.73 -21.70 29.44
CA LEU D 182 23.00 -21.00 29.42
C LEU D 182 24.02 -21.87 30.14
N HIS D 183 23.63 -22.37 31.32
CA HIS D 183 24.52 -23.21 32.11
C HIS D 183 24.94 -24.43 31.32
N SER D 184 23.98 -24.99 30.61
CA SER D 184 24.21 -26.17 29.80
C SER D 184 25.31 -25.83 28.77
N ALA D 185 25.22 -24.64 28.19
CA ALA D 185 26.20 -24.19 27.19
C ALA D 185 27.58 -24.02 27.83
N GLN D 186 27.60 -23.66 29.11
CA GLN D 186 28.87 -23.47 29.80
C GLN D 186 29.51 -24.81 30.13
N GLN D 187 28.69 -25.77 30.55
CA GLN D 187 29.18 -27.10 30.89
C GLN D 187 29.70 -27.83 29.65
N TRP D 188 28.97 -27.71 28.55
CA TRP D 188 29.34 -28.35 27.29
C TRP D 188 29.90 -27.27 26.38
N ASN D 189 29.14 -26.85 25.35
CA ASN D 189 29.55 -25.78 24.46
C ASN D 189 28.37 -25.15 23.68
N GLY D 190 28.53 -23.88 23.33
CA GLY D 190 27.49 -23.17 22.61
C GLY D 190 26.92 -23.87 21.40
N GLN D 191 27.80 -24.32 20.50
CA GLN D 191 27.34 -25.01 19.30
C GLN D 191 26.41 -26.18 19.62
N GLY D 192 26.69 -26.87 20.73
CA GLY D 192 25.89 -28.01 21.13
C GLY D 192 24.46 -27.62 21.49
N ILE D 193 24.34 -26.63 22.37
CA ILE D 193 23.02 -26.18 22.77
C ILE D 193 22.29 -25.59 21.58
N LEU D 194 23.03 -24.95 20.68
CA LEU D 194 22.43 -24.37 19.47
C LEU D 194 21.82 -25.48 18.60
N GLU D 195 22.53 -26.61 18.51
CA GLU D 195 22.03 -27.74 17.72
C GLU D 195 20.71 -28.21 18.35
N LEU D 196 20.72 -28.43 19.66
CA LEU D 196 19.52 -28.88 20.35
C LEU D 196 18.37 -27.92 20.12
N LEU D 197 18.62 -26.62 20.32
CA LEU D 197 17.59 -25.61 20.14
C LEU D 197 16.95 -25.69 18.76
N ARG D 198 17.73 -26.07 17.75
CA ARG D 198 17.18 -26.19 16.41
C ARG D 198 16.15 -27.32 16.32
N THR D 199 16.36 -28.38 17.10
CA THR D 199 15.46 -29.54 17.07
C THR D 199 14.16 -29.33 17.87
N VAL D 200 14.06 -28.22 18.58
CA VAL D 200 12.87 -27.93 19.36
C VAL D 200 12.25 -26.64 18.84
N PRO D 201 11.40 -26.73 17.80
CA PRO D 201 10.73 -25.59 17.19
C PRO D 201 10.29 -24.45 18.09
N ILE D 202 9.58 -24.76 19.16
CA ILE D 202 9.11 -23.69 20.03
C ILE D 202 10.23 -22.96 20.75
N ALA D 203 11.41 -23.57 20.80
CA ALA D 203 12.55 -22.97 21.48
C ALA D 203 13.51 -22.32 20.51
N GLY D 204 13.27 -22.50 19.21
CA GLY D 204 14.14 -21.92 18.22
C GLY D 204 13.86 -22.42 16.83
N GLY D 205 13.91 -23.74 16.66
CA GLY D 205 13.65 -24.32 15.37
C GLY D 205 14.85 -24.12 14.46
N PRO D 206 14.75 -24.50 13.17
CA PRO D 206 15.82 -24.38 12.18
C PRO D 206 16.47 -23.00 12.12
N TRP D 207 15.66 -21.96 12.17
CA TRP D 207 16.17 -20.60 12.10
C TRP D 207 16.44 -19.94 13.45
N LEU D 208 16.30 -20.70 14.53
CA LEU D 208 16.54 -20.19 15.88
C LEU D 208 15.81 -18.88 16.19
N ILE D 209 14.49 -18.93 16.09
CA ILE D 209 13.65 -17.78 16.39
C ILE D 209 13.45 -17.75 17.89
N THR D 210 13.46 -16.56 18.48
CA THR D 210 13.28 -16.46 19.92
C THR D 210 11.83 -16.16 20.24
N ASP D 211 11.28 -16.86 21.24
CA ASP D 211 9.91 -16.65 21.69
C ASP D 211 9.97 -16.20 23.14
N MET D 212 9.87 -14.91 23.37
CA MET D 212 9.98 -14.38 24.73
C MET D 212 8.94 -14.92 25.66
N ARG D 213 7.93 -15.60 25.11
CA ARG D 213 6.85 -16.16 25.92
C ARG D 213 7.05 -17.62 26.35
N ARG D 214 8.14 -18.22 25.86
CA ARG D 214 8.43 -19.61 26.17
C ARG D 214 8.50 -19.77 27.67
N GLY D 215 7.77 -20.73 28.21
CA GLY D 215 7.79 -20.93 29.65
C GLY D 215 8.64 -22.10 30.09
N GLU D 216 9.02 -22.96 29.15
CA GLU D 216 9.83 -24.12 29.49
C GLU D 216 11.20 -24.22 28.83
N THR D 217 12.13 -24.86 29.54
CA THR D 217 13.46 -25.06 29.03
C THR D 217 13.35 -26.22 28.05
N ILE D 218 14.34 -26.37 27.16
CA ILE D 218 14.27 -27.47 26.22
C ILE D 218 14.31 -28.78 26.97
N PHE D 219 14.99 -28.79 28.12
CA PHE D 219 15.07 -30.00 28.92
C PHE D 219 13.74 -30.39 29.56
N GLU D 220 12.96 -29.39 29.99
CA GLU D 220 11.68 -29.67 30.61
C GLU D 220 10.75 -30.15 29.52
N ILE D 221 10.98 -29.71 28.29
CA ILE D 221 10.14 -30.10 27.18
C ILE D 221 10.41 -31.56 26.81
N ASP D 222 11.68 -31.94 26.76
CA ASP D 222 12.01 -33.30 26.41
C ASP D 222 13.27 -33.60 27.22
N PRO D 223 13.09 -34.11 28.44
CA PRO D 223 14.15 -34.47 29.39
C PRO D 223 15.25 -35.33 28.84
N HIS D 224 15.06 -35.80 27.62
CA HIS D 224 16.04 -36.66 27.01
C HIS D 224 17.21 -35.95 26.40
N LEU D 225 17.01 -34.69 26.08
CA LEU D 225 18.07 -33.94 25.49
C LEU D 225 19.25 -33.93 26.45
N GLN D 226 18.96 -34.03 27.74
CA GLN D 226 20.02 -34.01 28.74
C GLN D 226 21.05 -35.08 28.43
N GLU D 227 20.56 -36.23 27.95
CA GLU D 227 21.44 -37.33 27.59
C GLU D 227 22.45 -36.89 26.56
N ARG D 228 21.93 -36.28 25.49
CA ARG D 228 22.74 -35.78 24.39
C ARG D 228 23.74 -34.69 24.77
N VAL D 229 23.51 -34.02 25.89
CA VAL D 229 24.43 -32.97 26.36
C VAL D 229 25.58 -33.70 27.03
N ASP D 230 25.24 -34.71 27.83
CA ASP D 230 26.23 -35.52 28.54
C ASP D 230 27.17 -36.21 27.59
N LYS D 231 26.62 -36.77 26.52
CA LYS D 231 27.45 -37.47 25.55
C LYS D 231 28.35 -36.45 24.86
N GLY D 232 27.90 -35.19 24.81
CA GLY D 232 28.71 -34.16 24.19
C GLY D 232 29.88 -33.81 25.08
N ILE D 233 29.60 -33.63 26.36
CA ILE D 233 30.61 -33.30 27.36
C ILE D 233 31.69 -34.38 27.33
N GLU D 234 31.24 -35.62 27.20
CA GLU D 234 32.09 -36.81 27.16
C GLU D 234 33.05 -36.85 25.96
N THR D 235 32.53 -36.75 24.75
CA THR D 235 33.38 -36.79 23.56
C THR D 235 34.14 -35.48 23.37
N ASP D 236 34.21 -34.69 24.43
CA ASP D 236 34.92 -33.40 24.36
C ASP D 236 35.89 -33.21 25.51
#